data_1OFX
# 
_entry.id   1OFX 
# 
_audit_conform.dict_name       mmcif_pdbx.dic 
_audit_conform.dict_version    5.386 
_audit_conform.dict_location   http://mmcif.pdb.org/dictionaries/ascii/mmcif_pdbx.dic 
# 
loop_
_database_2.database_id 
_database_2.database_code 
_database_2.pdbx_database_accession 
_database_2.pdbx_DOI 
PDB   1OFX         pdb_00001ofx 10.2210/pdb1ofx/pdb 
RCSB  AHJ040       ?            ?                   
WWPDB D_1000175450 ?            ?                   
# 
loop_
_pdbx_audit_revision_history.ordinal 
_pdbx_audit_revision_history.data_content_type 
_pdbx_audit_revision_history.major_revision 
_pdbx_audit_revision_history.minor_revision 
_pdbx_audit_revision_history.revision_date 
1 'Structure model' 1 0 1993-04-15 
2 'Structure model' 1 1 2008-05-22 
3 'Structure model' 1 2 2011-07-13 
4 'Structure model' 1 3 2024-02-14 
# 
_pdbx_audit_revision_details.ordinal             1 
_pdbx_audit_revision_details.revision_ordinal    1 
_pdbx_audit_revision_details.data_content_type   'Structure model' 
_pdbx_audit_revision_details.provider            repository 
_pdbx_audit_revision_details.type                'Initial release' 
_pdbx_audit_revision_details.description         ? 
_pdbx_audit_revision_details.details             ? 
# 
loop_
_pdbx_audit_revision_group.ordinal 
_pdbx_audit_revision_group.revision_ordinal 
_pdbx_audit_revision_group.data_content_type 
_pdbx_audit_revision_group.group 
1 2 'Structure model' 'Version format compliance' 
2 3 'Structure model' 'Version format compliance' 
3 4 'Structure model' 'Data collection'           
4 4 'Structure model' 'Database references'       
5 4 'Structure model' 'Derived calculations'      
# 
loop_
_pdbx_audit_revision_category.ordinal 
_pdbx_audit_revision_category.revision_ordinal 
_pdbx_audit_revision_category.data_content_type 
_pdbx_audit_revision_category.category 
1 4 'Structure model' chem_comp_atom 
2 4 'Structure model' chem_comp_bond 
3 4 'Structure model' database_2     
4 4 'Structure model' struct_site    
# 
loop_
_pdbx_audit_revision_item.ordinal 
_pdbx_audit_revision_item.revision_ordinal 
_pdbx_audit_revision_item.data_content_type 
_pdbx_audit_revision_item.item 
1 4 'Structure model' '_database_2.pdbx_DOI'                
2 4 'Structure model' '_database_2.pdbx_database_accession' 
3 4 'Structure model' '_struct_site.pdbx_auth_asym_id'      
4 4 'Structure model' '_struct_site.pdbx_auth_comp_id'      
5 4 'Structure model' '_struct_site.pdbx_auth_seq_id'       
# 
_pdbx_database_status.status_code                     REL 
_pdbx_database_status.entry_id                        1OFX 
_pdbx_database_status.recvd_initial_deposition_date   1991-10-17 
_pdbx_database_status.deposit_site                    BNL 
_pdbx_database_status.process_site                    NDB 
_pdbx_database_status.SG_entry                        . 
_pdbx_database_status.pdb_format_compatible           Y 
_pdbx_database_status.status_code_mr                  ? 
_pdbx_database_status.status_code_sf                  ? 
_pdbx_database_status.status_code_cs                  ? 
_pdbx_database_status.status_code_nmr_data            ? 
_pdbx_database_status.methods_development_category    ? 
# 
loop_
_audit_author.name 
_audit_author.pdbx_ordinal 
'Egli, M.'  1 
'Usman, N.' 2 
'Zhang, S.' 3 
'Rich, A.'  4 
# 
_citation.id                        primary 
_citation.title                     'Crystal structure of an Okazaki fragment at 2-A resolution.' 
_citation.journal_abbrev            Proc.Natl.Acad.Sci.USA 
_citation.journal_volume            89 
_citation.page_first                534 
_citation.page_last                 538 
_citation.year                      1992 
_citation.journal_id_ASTM           PNASA6 
_citation.country                   US 
_citation.journal_id_ISSN           0027-8424 
_citation.journal_id_CSD            0040 
_citation.book_publisher            ? 
_citation.pdbx_database_id_PubMed   1370582 
_citation.pdbx_database_id_DOI      10.1073/pnas.89.2.534 
# 
loop_
_citation_author.citation_id 
_citation_author.name 
_citation_author.ordinal 
_citation_author.identifier_ORCID 
primary 'Egli, M.'    1 ? 
primary 'Usman, N.'   2 ? 
primary 'Zhang, S.G.' 3 ? 
primary 'Rich, A.'    4 ? 
# 
loop_
_entity.id 
_entity.type 
_entity.src_method 
_entity.pdbx_description 
_entity.formula_weight 
_entity.pdbx_number_of_molecules 
_entity.pdbx_ec 
_entity.pdbx_mutation 
_entity.pdbx_fragment 
_entity.details 
1 polymer     syn 
;DNA (5'-D(*GP*GP*GP*TP*AP*TP*AP*CP*GP*C)-3')
;
3085.029 1  ? ? ? ? 
2 polymer     syn 
;DNA/RNA (5'-R(*GP*CP*GP*)-D(*TP*AP*TP*AP*CP*CP*C)-3')
;
3052.981 1  ? ? ? ? 
3 non-polymer syn SPERMINE                                                202.340  1  ? ? ? ? 
4 water       nat water                                                   18.015   93 ? ? ? ? 
# 
loop_
_entity_poly.entity_id 
_entity_poly.type 
_entity_poly.nstd_linkage 
_entity_poly.nstd_monomer 
_entity_poly.pdbx_seq_one_letter_code 
_entity_poly.pdbx_seq_one_letter_code_can 
_entity_poly.pdbx_strand_id 
_entity_poly.pdbx_target_identifier 
1 polydeoxyribonucleotide                             no no '(DG)(DG)(DG)(DT)(DA)(DT)(DA)(DC)(DG)(DC)' GGGTATACGC A ? 
2 'polydeoxyribonucleotide/polyribonucleotide hybrid' no no 'GCG(DT)(DA)(DT)(DA)(DC)(DC)(DC)'          GCGTATACCC B ? 
# 
loop_
_pdbx_entity_nonpoly.entity_id 
_pdbx_entity_nonpoly.name 
_pdbx_entity_nonpoly.comp_id 
3 SPERMINE SPM 
4 water    HOH 
# 
loop_
_entity_poly_seq.entity_id 
_entity_poly_seq.num 
_entity_poly_seq.mon_id 
_entity_poly_seq.hetero 
1 1  DG n 
1 2  DG n 
1 3  DG n 
1 4  DT n 
1 5  DA n 
1 6  DT n 
1 7  DA n 
1 8  DC n 
1 9  DG n 
1 10 DC n 
2 1  G  n 
2 2  C  n 
2 3  G  n 
2 4  DT n 
2 5  DA n 
2 6  DT n 
2 7  DA n 
2 8  DC n 
2 9  DC n 
2 10 DC n 
# 
loop_
_chem_comp.id 
_chem_comp.type 
_chem_comp.mon_nstd_flag 
_chem_comp.name 
_chem_comp.pdbx_synonyms 
_chem_comp.formula 
_chem_comp.formula_weight 
C   'RNA linking' y "CYTIDINE-5'-MONOPHOSPHATE"          ? 'C9 H14 N3 O8 P'  323.197 
DA  'DNA linking' y "2'-DEOXYADENOSINE-5'-MONOPHOSPHATE" ? 'C10 H14 N5 O6 P' 331.222 
DC  'DNA linking' y "2'-DEOXYCYTIDINE-5'-MONOPHOSPHATE"  ? 'C9 H14 N3 O7 P'  307.197 
DG  'DNA linking' y "2'-DEOXYGUANOSINE-5'-MONOPHOSPHATE" ? 'C10 H14 N5 O7 P' 347.221 
DT  'DNA linking' y "THYMIDINE-5'-MONOPHOSPHATE"         ? 'C10 H15 N2 O8 P' 322.208 
G   'RNA linking' y "GUANOSINE-5'-MONOPHOSPHATE"         ? 'C10 H14 N5 O8 P' 363.221 
HOH non-polymer   . WATER                                ? 'H2 O'            18.015  
SPM non-polymer   . SPERMINE                             ? 'C10 H26 N4'      202.340 
# 
loop_
_pdbx_poly_seq_scheme.asym_id 
_pdbx_poly_seq_scheme.entity_id 
_pdbx_poly_seq_scheme.seq_id 
_pdbx_poly_seq_scheme.mon_id 
_pdbx_poly_seq_scheme.ndb_seq_num 
_pdbx_poly_seq_scheme.pdb_seq_num 
_pdbx_poly_seq_scheme.auth_seq_num 
_pdbx_poly_seq_scheme.pdb_mon_id 
_pdbx_poly_seq_scheme.auth_mon_id 
_pdbx_poly_seq_scheme.pdb_strand_id 
_pdbx_poly_seq_scheme.pdb_ins_code 
_pdbx_poly_seq_scheme.hetero 
A 1 1  DG 1  1  1  DG G A . n 
A 1 2  DG 2  2  2  DG G A . n 
A 1 3  DG 3  3  3  DG G A . n 
A 1 4  DT 4  4  4  DT T A . n 
A 1 5  DA 5  5  5  DA A A . n 
A 1 6  DT 6  6  6  DT T A . n 
A 1 7  DA 7  7  7  DA A A . n 
A 1 8  DC 8  8  8  DC C A . n 
A 1 9  DG 9  9  9  DG G A . n 
A 1 10 DC 10 10 10 DC C A . n 
B 2 1  G  1  11 11 G  G B . n 
B 2 2  C  2  12 12 C  C B . n 
B 2 3  G  3  13 13 G  G B . n 
B 2 4  DT 4  14 14 DT T B . n 
B 2 5  DA 5  15 15 DA A B . n 
B 2 6  DT 6  16 16 DT T B . n 
B 2 7  DA 7  17 17 DA A B . n 
B 2 8  DC 8  18 18 DC C B . n 
B 2 9  DC 9  19 19 DC C B . n 
B 2 10 DC 10 20 20 DC C B . n 
# 
loop_
_pdbx_nonpoly_scheme.asym_id 
_pdbx_nonpoly_scheme.entity_id 
_pdbx_nonpoly_scheme.mon_id 
_pdbx_nonpoly_scheme.ndb_seq_num 
_pdbx_nonpoly_scheme.pdb_seq_num 
_pdbx_nonpoly_scheme.auth_seq_num 
_pdbx_nonpoly_scheme.pdb_mon_id 
_pdbx_nonpoly_scheme.auth_mon_id 
_pdbx_nonpoly_scheme.pdb_strand_id 
_pdbx_nonpoly_scheme.pdb_ins_code 
C 3 SPM 1  21  21  SPM SPM B . 
D 4 HOH 1  23  23  HOH HOH A . 
D 4 HOH 2  27  27  HOH HOH A . 
D 4 HOH 3  28  28  HOH HOH A . 
D 4 HOH 4  29  29  HOH HOH A . 
D 4 HOH 5  31  31  HOH HOH A . 
D 4 HOH 6  33  33  HOH HOH A . 
D 4 HOH 7  34  34  HOH HOH A . 
D 4 HOH 8  39  39  HOH HOH A . 
D 4 HOH 9  40  40  HOH HOH A . 
D 4 HOH 10 47  47  HOH HOH A . 
D 4 HOH 11 50  50  HOH HOH A . 
D 4 HOH 12 52  52  HOH HOH A . 
D 4 HOH 13 53  53  HOH HOH A . 
D 4 HOH 14 56  56  HOH HOH A . 
D 4 HOH 15 57  57  HOH HOH A . 
D 4 HOH 16 61  61  HOH HOH A . 
D 4 HOH 17 69  69  HOH HOH A . 
D 4 HOH 18 72  72  HOH HOH A . 
D 4 HOH 19 74  74  HOH HOH A . 
D 4 HOH 20 78  78  HOH HOH A . 
D 4 HOH 21 79  79  HOH HOH A . 
D 4 HOH 22 80  80  HOH HOH A . 
D 4 HOH 23 81  81  HOH HOH A . 
D 4 HOH 24 83  83  HOH HOH A . 
D 4 HOH 25 84  84  HOH HOH A . 
D 4 HOH 26 92  92  HOH HOH A . 
D 4 HOH 27 93  93  HOH HOH A . 
D 4 HOH 28 97  97  HOH HOH A . 
D 4 HOH 29 98  98  HOH HOH A . 
D 4 HOH 30 101 101 HOH HOH A . 
D 4 HOH 31 111 111 HOH HOH A . 
E 4 HOH 1  22  22  HOH HOH B . 
E 4 HOH 2  24  24  HOH HOH B . 
E 4 HOH 3  25  25  HOH HOH B . 
E 4 HOH 4  26  26  HOH HOH B . 
E 4 HOH 5  30  30  HOH HOH B . 
E 4 HOH 6  32  32  HOH HOH B . 
E 4 HOH 7  35  35  HOH HOH B . 
E 4 HOH 8  36  36  HOH HOH B . 
E 4 HOH 9  37  37  HOH HOH B . 
E 4 HOH 10 38  38  HOH HOH B . 
E 4 HOH 11 41  41  HOH HOH B . 
E 4 HOH 12 42  42  HOH HOH B . 
E 4 HOH 13 43  43  HOH HOH B . 
E 4 HOH 14 44  44  HOH HOH B . 
E 4 HOH 15 45  45  HOH HOH B . 
E 4 HOH 16 46  46  HOH HOH B . 
E 4 HOH 17 48  48  HOH HOH B . 
E 4 HOH 18 49  49  HOH HOH B . 
E 4 HOH 19 51  51  HOH HOH B . 
E 4 HOH 20 54  54  HOH HOH B . 
E 4 HOH 21 55  55  HOH HOH B . 
E 4 HOH 22 58  58  HOH HOH B . 
E 4 HOH 23 59  59  HOH HOH B . 
E 4 HOH 24 60  60  HOH HOH B . 
E 4 HOH 25 62  62  HOH HOH B . 
E 4 HOH 26 63  63  HOH HOH B . 
E 4 HOH 27 64  64  HOH HOH B . 
E 4 HOH 28 65  65  HOH HOH B . 
E 4 HOH 29 66  66  HOH HOH B . 
E 4 HOH 30 67  67  HOH HOH B . 
E 4 HOH 31 68  68  HOH HOH B . 
E 4 HOH 32 70  70  HOH HOH B . 
E 4 HOH 33 71  71  HOH HOH B . 
E 4 HOH 34 73  73  HOH HOH B . 
E 4 HOH 35 75  75  HOH HOH B . 
E 4 HOH 36 76  76  HOH HOH B . 
E 4 HOH 37 77  77  HOH HOH B . 
E 4 HOH 38 82  82  HOH HOH B . 
E 4 HOH 39 85  85  HOH HOH B . 
E 4 HOH 40 86  86  HOH HOH B . 
E 4 HOH 41 87  87  HOH HOH B . 
E 4 HOH 42 88  88  HOH HOH B . 
E 4 HOH 43 89  89  HOH HOH B . 
E 4 HOH 44 90  90  HOH HOH B . 
E 4 HOH 45 91  91  HOH HOH B . 
E 4 HOH 46 94  94  HOH HOH B . 
E 4 HOH 47 95  95  HOH HOH B . 
E 4 HOH 48 96  96  HOH HOH B . 
E 4 HOH 49 99  99  HOH HOH B . 
E 4 HOH 50 100 100 HOH HOH B . 
E 4 HOH 51 102 102 HOH HOH B . 
E 4 HOH 52 103 103 HOH HOH B . 
E 4 HOH 53 104 104 HOH HOH B . 
E 4 HOH 54 105 105 HOH HOH B . 
E 4 HOH 55 106 106 HOH HOH B . 
E 4 HOH 56 107 107 HOH HOH B . 
E 4 HOH 57 108 108 HOH HOH B . 
E 4 HOH 58 109 109 HOH HOH B . 
E 4 HOH 59 110 110 HOH HOH B . 
E 4 HOH 60 112 112 HOH HOH B . 
E 4 HOH 61 113 113 HOH HOH B . 
E 4 HOH 62 114 114 HOH HOH B . 
# 
loop_
_software.name 
_software.classification 
_software.version 
_software.citation_id 
_software.pdbx_ordinal 
PROLSQ   refinement '(MODIFIED BY G.J.QUIGLEY)' ? 1 
MODIFIED refinement 'BY G.J.QUIGLEY'            ? 2 
# 
_cell.entry_id           1OFX 
_cell.length_a           24.030 
_cell.length_b           43.670 
_cell.length_c           48.950 
_cell.angle_alpha        90.00 
_cell.angle_beta         90.00 
_cell.angle_gamma        90.00 
_cell.Z_PDB              4 
_cell.pdbx_unique_axis   ? 
# 
_symmetry.entry_id                         1OFX 
_symmetry.space_group_name_H-M             'P 21 21 21' 
_symmetry.pdbx_full_space_group_name_H-M   ? 
_symmetry.cell_setting                     orthorhombic 
_symmetry.Int_Tables_number                19 
# 
_exptl.entry_id          1OFX 
_exptl.method            'X-RAY DIFFRACTION' 
_exptl.crystals_number   1 
# 
_exptl_crystal.id                    1 
_exptl_crystal.density_meas          ? 
_exptl_crystal.density_Matthews      2.09 
_exptl_crystal.density_percent_sol   41.21 
_exptl_crystal.description           ? 
# 
_exptl_crystal_grow.crystal_id      1 
_exptl_crystal_grow.method          'VAPOR DIFFUSION, SITTING DROP' 
_exptl_crystal_grow.temp            291.00 
_exptl_crystal_grow.temp_details    ? 
_exptl_crystal_grow.pH              7.00 
_exptl_crystal_grow.pdbx_details    'pH 7.00, VAPOR DIFFUSION, SITTING DROP, temperature 291.00K' 
_exptl_crystal_grow.pdbx_pH_range   ? 
# 
loop_
_exptl_crystal_grow_comp.crystal_id 
_exptl_crystal_grow_comp.id 
_exptl_crystal_grow_comp.sol_id 
_exptl_crystal_grow_comp.name 
_exptl_crystal_grow_comp.volume 
_exptl_crystal_grow_comp.conc 
_exptl_crystal_grow_comp.details 
1 1 1 WATER           ? ? ? 
1 2 1 'NA CACODYLATE' ? ? ? 
1 3 1 MGCL2           ? ? ? 
1 4 1 SPERMINE        ? ? ? 
1 5 2 WATER           ? ? ? 
1 6 2 MPD             ? ? ? 
# 
_diffrn.id                     1 
_diffrn.ambient_temp           163.00 
_diffrn.ambient_temp_details   ? 
_diffrn.crystal_id             1 
# 
_diffrn_detector.diffrn_id              1 
_diffrn_detector.detector               DIFFRACTOMETER 
_diffrn_detector.type                   'RIGAKU AFC-5R' 
_diffrn_detector.pdbx_collection_date   ? 
_diffrn_detector.details                ? 
# 
_diffrn_radiation.diffrn_id                        1 
_diffrn_radiation.wavelength_id                    1 
_diffrn_radiation.pdbx_monochromatic_or_laue_m_l   M 
_diffrn_radiation.monochromator                    ? 
_diffrn_radiation.pdbx_diffrn_protocol             'SINGLE WAVELENGTH' 
_diffrn_radiation.pdbx_scattering_type             x-ray 
# 
_diffrn_radiation_wavelength.id           1 
_diffrn_radiation_wavelength.wavelength   1.5418 
_diffrn_radiation_wavelength.wt           1.0 
# 
_diffrn_source.diffrn_id                   1 
_diffrn_source.source                      'ROTATING ANODE' 
_diffrn_source.type                        ? 
_diffrn_source.pdbx_synchrotron_site       ? 
_diffrn_source.pdbx_synchrotron_beamline   ? 
_diffrn_source.pdbx_wavelength             1.5418 
_diffrn_source.pdbx_wavelength_list        ? 
# 
_reflns.entry_id                     1OFX 
_reflns.observed_criterion_sigma_I   ? 
_reflns.observed_criterion_sigma_F   2.000 
_reflns.d_resolution_low             10.000 
_reflns.d_resolution_high            2.000 
_reflns.number_obs                   1860 
_reflns.number_all                   3858 
_reflns.percent_possible_obs         ? 
_reflns.pdbx_Rmerge_I_obs            ? 
_reflns.pdbx_Rsym_value              ? 
_reflns.pdbx_netI_over_sigmaI        ? 
_reflns.B_iso_Wilson_estimate        ? 
_reflns.pdbx_redundancy              ? 
_reflns.pdbx_diffrn_id               1 
_reflns.pdbx_ordinal                 1 
# 
_refine.entry_id                                 1OFX 
_refine.ls_number_reflns_obs                     1826 
_refine.ls_number_reflns_all                     ? 
_refine.pdbx_ls_sigma_I                          ? 
_refine.pdbx_ls_sigma_F                          2.000 
_refine.pdbx_data_cutoff_high_absF               ? 
_refine.pdbx_data_cutoff_low_absF                ? 
_refine.pdbx_data_cutoff_high_rms_absF           ? 
_refine.ls_d_res_low                             10.000 
_refine.ls_d_res_high                            2.000 
_refine.ls_percent_reflns_obs                    ? 
_refine.ls_R_factor_obs                          0.1560000 
_refine.ls_R_factor_all                          ? 
_refine.ls_R_factor_R_work                       ? 
_refine.ls_R_factor_R_free                       ? 
_refine.ls_R_factor_R_free_error                 ? 
_refine.ls_R_factor_R_free_error_details         ? 
_refine.ls_percent_reflns_R_free                 ? 
_refine.ls_number_reflns_R_free                  ? 
_refine.ls_number_parameters                     ? 
_refine.ls_number_restraints                     ? 
_refine.occupancy_min                            ? 
_refine.occupancy_max                            ? 
_refine.B_iso_mean                               ? 
_refine.aniso_B[1][1]                            ? 
_refine.aniso_B[2][2]                            ? 
_refine.aniso_B[3][3]                            ? 
_refine.aniso_B[1][2]                            ? 
_refine.aniso_B[1][3]                            ? 
_refine.aniso_B[2][3]                            ? 
_refine.solvent_model_details                    ? 
_refine.solvent_model_param_ksol                 ? 
_refine.solvent_model_param_bsol                 ? 
_refine.pdbx_ls_cross_valid_method               ? 
_refine.details                                  ? 
_refine.pdbx_starting_model                      ? 
_refine.pdbx_method_to_determine_struct          ? 
_refine.pdbx_isotropic_thermal_model             ? 
_refine.pdbx_stereochemistry_target_values       ? 
_refine.pdbx_stereochem_target_val_spec_case     ? 
_refine.pdbx_R_Free_selection_details            ? 
_refine.pdbx_overall_ESU_R                       ? 
_refine.pdbx_overall_ESU_R_Free                  ? 
_refine.overall_SU_ML                            ? 
_refine.overall_SU_B                             ? 
_refine.pdbx_refine_id                           'X-RAY DIFFRACTION' 
_refine.pdbx_diffrn_id                           1 
_refine.pdbx_TLS_residual_ADP_flag               ? 
_refine.correlation_coeff_Fo_to_Fc               ? 
_refine.correlation_coeff_Fo_to_Fc_free          ? 
_refine.pdbx_solvent_vdw_probe_radii             ? 
_refine.pdbx_solvent_ion_probe_radii             ? 
_refine.pdbx_solvent_shrinkage_radii             ? 
_refine.pdbx_overall_phase_error                 ? 
_refine.overall_SU_R_Cruickshank_DPI             ? 
_refine.pdbx_overall_SU_R_free_Cruickshank_DPI   ? 
_refine.pdbx_overall_SU_R_Blow_DPI               ? 
_refine.pdbx_overall_SU_R_free_Blow_DPI          ? 
# 
_refine_hist.pdbx_refine_id                   'X-RAY DIFFRACTION' 
_refine_hist.cycle_id                         LAST 
_refine_hist.pdbx_number_atoms_protein        0 
_refine_hist.pdbx_number_atoms_nucleic_acid   407 
_refine_hist.pdbx_number_atoms_ligand         14 
_refine_hist.number_atoms_solvent             93 
_refine_hist.number_atoms_total               514 
_refine_hist.d_res_high                       2.000 
_refine_hist.d_res_low                        10.000 
# 
_struct.entry_id                  1OFX 
_struct.title                     'CRYSTAL STRUCTURE OF AN OKAZAKI FRAGMENT AT 2 ANGSTROMS RESOLUTION' 
_struct.pdbx_model_details        ? 
_struct.pdbx_CASP_flag            ? 
_struct.pdbx_model_type_details   ? 
# 
_struct_keywords.entry_id        1OFX 
_struct_keywords.pdbx_keywords   'DNA-RNA HYBRID' 
_struct_keywords.text            'A-DNA/RNA, DOUBLE HELIX, DNA-RNA HYBRID' 
# 
loop_
_struct_asym.id 
_struct_asym.pdbx_blank_PDB_chainid_flag 
_struct_asym.pdbx_modified 
_struct_asym.entity_id 
_struct_asym.details 
A N N 1 ? 
B N N 2 ? 
C N N 3 ? 
D N N 4 ? 
E N N 4 ? 
# 
loop_
_struct_ref.id 
_struct_ref.entity_id 
_struct_ref.db_name 
_struct_ref.db_code 
_struct_ref.pdbx_db_accession 
_struct_ref.pdbx_db_isoform 
_struct_ref.pdbx_seq_one_letter_code 
_struct_ref.pdbx_align_begin 
1 1 PDB 1OFX 1OFX ? ? ? 
2 2 PDB 1OFX 1OFX ? ? ? 
# 
loop_
_struct_ref_seq.align_id 
_struct_ref_seq.ref_id 
_struct_ref_seq.pdbx_PDB_id_code 
_struct_ref_seq.pdbx_strand_id 
_struct_ref_seq.seq_align_beg 
_struct_ref_seq.pdbx_seq_align_beg_ins_code 
_struct_ref_seq.seq_align_end 
_struct_ref_seq.pdbx_seq_align_end_ins_code 
_struct_ref_seq.pdbx_db_accession 
_struct_ref_seq.db_align_beg 
_struct_ref_seq.pdbx_db_align_beg_ins_code 
_struct_ref_seq.db_align_end 
_struct_ref_seq.pdbx_db_align_end_ins_code 
_struct_ref_seq.pdbx_auth_seq_align_beg 
_struct_ref_seq.pdbx_auth_seq_align_end 
1 1 1OFX A 1 ? 10 ? 1OFX 1  ? 10 ? 1  10 
2 2 1OFX B 1 ? 10 ? 1OFX 11 ? 20 ? 11 20 
# 
_pdbx_struct_assembly.id                   1 
_pdbx_struct_assembly.details              author_defined_assembly 
_pdbx_struct_assembly.method_details       ? 
_pdbx_struct_assembly.oligomeric_details   dimeric 
_pdbx_struct_assembly.oligomeric_count     2 
# 
_pdbx_struct_assembly_gen.assembly_id       1 
_pdbx_struct_assembly_gen.oper_expression   1 
_pdbx_struct_assembly_gen.asym_id_list      A,B,C,D,E 
# 
_pdbx_struct_oper_list.id                   1 
_pdbx_struct_oper_list.type                 'identity operation' 
_pdbx_struct_oper_list.name                 1_555 
_pdbx_struct_oper_list.symmetry_operation   x,y,z 
_pdbx_struct_oper_list.matrix[1][1]         1.0000000000 
_pdbx_struct_oper_list.matrix[1][2]         0.0000000000 
_pdbx_struct_oper_list.matrix[1][3]         0.0000000000 
_pdbx_struct_oper_list.vector[1]            0.0000000000 
_pdbx_struct_oper_list.matrix[2][1]         0.0000000000 
_pdbx_struct_oper_list.matrix[2][2]         1.0000000000 
_pdbx_struct_oper_list.matrix[2][3]         0.0000000000 
_pdbx_struct_oper_list.vector[2]            0.0000000000 
_pdbx_struct_oper_list.matrix[3][1]         0.0000000000 
_pdbx_struct_oper_list.matrix[3][2]         0.0000000000 
_pdbx_struct_oper_list.matrix[3][3]         1.0000000000 
_pdbx_struct_oper_list.vector[3]            0.0000000000 
# 
_struct_biol.id   1 
# 
loop_
_struct_conn.id 
_struct_conn.conn_type_id 
_struct_conn.pdbx_leaving_atom_flag 
_struct_conn.pdbx_PDB_id 
_struct_conn.ptnr1_label_asym_id 
_struct_conn.ptnr1_label_comp_id 
_struct_conn.ptnr1_label_seq_id 
_struct_conn.ptnr1_label_atom_id 
_struct_conn.pdbx_ptnr1_label_alt_id 
_struct_conn.pdbx_ptnr1_PDB_ins_code 
_struct_conn.pdbx_ptnr1_standard_comp_id 
_struct_conn.ptnr1_symmetry 
_struct_conn.ptnr2_label_asym_id 
_struct_conn.ptnr2_label_comp_id 
_struct_conn.ptnr2_label_seq_id 
_struct_conn.ptnr2_label_atom_id 
_struct_conn.pdbx_ptnr2_label_alt_id 
_struct_conn.pdbx_ptnr2_PDB_ins_code 
_struct_conn.ptnr1_auth_asym_id 
_struct_conn.ptnr1_auth_comp_id 
_struct_conn.ptnr1_auth_seq_id 
_struct_conn.ptnr2_auth_asym_id 
_struct_conn.ptnr2_auth_comp_id 
_struct_conn.ptnr2_auth_seq_id 
_struct_conn.ptnr2_symmetry 
_struct_conn.pdbx_ptnr3_label_atom_id 
_struct_conn.pdbx_ptnr3_label_seq_id 
_struct_conn.pdbx_ptnr3_label_comp_id 
_struct_conn.pdbx_ptnr3_label_asym_id 
_struct_conn.pdbx_ptnr3_label_alt_id 
_struct_conn.pdbx_ptnr3_PDB_ins_code 
_struct_conn.details 
_struct_conn.pdbx_dist_value 
_struct_conn.pdbx_value_order 
_struct_conn.pdbx_role 
hydrog1  hydrog ? ? A DG 1  N1 ? ? ? 1_555 B DC 10 N3 ? ? A DG 1  B DC 20 1_555 ? ? ? ? ? ? WATSON-CRICK ? ? ? 
hydrog2  hydrog ? ? A DG 1  N2 ? ? ? 1_555 B DC 10 O2 ? ? A DG 1  B DC 20 1_555 ? ? ? ? ? ? WATSON-CRICK ? ? ? 
hydrog3  hydrog ? ? A DG 1  O6 ? ? ? 1_555 B DC 10 N4 ? ? A DG 1  B DC 20 1_555 ? ? ? ? ? ? WATSON-CRICK ? ? ? 
hydrog4  hydrog ? ? A DG 2  N1 ? ? ? 1_555 B DC 9  N3 ? ? A DG 2  B DC 19 1_555 ? ? ? ? ? ? WATSON-CRICK ? ? ? 
hydrog5  hydrog ? ? A DG 2  N2 ? ? ? 1_555 B DC 9  O2 ? ? A DG 2  B DC 19 1_555 ? ? ? ? ? ? WATSON-CRICK ? ? ? 
hydrog6  hydrog ? ? A DG 2  O6 ? ? ? 1_555 B DC 9  N4 ? ? A DG 2  B DC 19 1_555 ? ? ? ? ? ? WATSON-CRICK ? ? ? 
hydrog7  hydrog ? ? A DG 3  N1 ? ? ? 1_555 B DC 8  N3 ? ? A DG 3  B DC 18 1_555 ? ? ? ? ? ? WATSON-CRICK ? ? ? 
hydrog8  hydrog ? ? A DG 3  N2 ? ? ? 1_555 B DC 8  O2 ? ? A DG 3  B DC 18 1_555 ? ? ? ? ? ? WATSON-CRICK ? ? ? 
hydrog9  hydrog ? ? A DG 3  O6 ? ? ? 1_555 B DC 8  N4 ? ? A DG 3  B DC 18 1_555 ? ? ? ? ? ? WATSON-CRICK ? ? ? 
hydrog10 hydrog ? ? A DT 4  N3 ? ? ? 1_555 B DA 7  N1 ? ? A DT 4  B DA 17 1_555 ? ? ? ? ? ? WATSON-CRICK ? ? ? 
hydrog11 hydrog ? ? A DT 4  O4 ? ? ? 1_555 B DA 7  N6 ? ? A DT 4  B DA 17 1_555 ? ? ? ? ? ? WATSON-CRICK ? ? ? 
hydrog12 hydrog ? ? A DA 5  N1 ? ? ? 1_555 B DT 6  N3 ? ? A DA 5  B DT 16 1_555 ? ? ? ? ? ? WATSON-CRICK ? ? ? 
hydrog13 hydrog ? ? A DA 5  N6 ? ? ? 1_555 B DT 6  O4 ? ? A DA 5  B DT 16 1_555 ? ? ? ? ? ? WATSON-CRICK ? ? ? 
hydrog14 hydrog ? ? A DT 6  N3 ? ? ? 1_555 B DA 5  N1 ? ? A DT 6  B DA 15 1_555 ? ? ? ? ? ? WATSON-CRICK ? ? ? 
hydrog15 hydrog ? ? A DT 6  O4 ? ? ? 1_555 B DA 5  N6 ? ? A DT 6  B DA 15 1_555 ? ? ? ? ? ? WATSON-CRICK ? ? ? 
hydrog16 hydrog ? ? A DA 7  N1 ? ? ? 1_555 B DT 4  N3 ? ? A DA 7  B DT 14 1_555 ? ? ? ? ? ? WATSON-CRICK ? ? ? 
hydrog17 hydrog ? ? A DA 7  N6 ? ? ? 1_555 B DT 4  O4 ? ? A DA 7  B DT 14 1_555 ? ? ? ? ? ? WATSON-CRICK ? ? ? 
hydrog18 hydrog ? ? A DC 8  N3 ? ? ? 1_555 B G  3  N1 ? ? A DC 8  B G  13 1_555 ? ? ? ? ? ? WATSON-CRICK ? ? ? 
hydrog19 hydrog ? ? A DC 8  N4 ? ? ? 1_555 B G  3  O6 ? ? A DC 8  B G  13 1_555 ? ? ? ? ? ? WATSON-CRICK ? ? ? 
hydrog20 hydrog ? ? A DC 8  O2 ? ? ? 1_555 B G  3  N2 ? ? A DC 8  B G  13 1_555 ? ? ? ? ? ? WATSON-CRICK ? ? ? 
hydrog21 hydrog ? ? A DG 9  N1 ? ? ? 1_555 B C  2  N3 ? ? A DG 9  B C  12 1_555 ? ? ? ? ? ? WATSON-CRICK ? ? ? 
hydrog22 hydrog ? ? A DG 9  N2 ? ? ? 1_555 B C  2  O2 ? ? A DG 9  B C  12 1_555 ? ? ? ? ? ? WATSON-CRICK ? ? ? 
hydrog23 hydrog ? ? A DG 9  O6 ? ? ? 1_555 B C  2  N4 ? ? A DG 9  B C  12 1_555 ? ? ? ? ? ? WATSON-CRICK ? ? ? 
hydrog24 hydrog ? ? A DC 10 N3 ? ? ? 1_555 B G  1  N1 ? ? A DC 10 B G  11 1_555 ? ? ? ? ? ? WATSON-CRICK ? ? ? 
hydrog25 hydrog ? ? A DC 10 N4 ? ? ? 1_555 B G  1  O6 ? ? A DC 10 B G  11 1_555 ? ? ? ? ? ? WATSON-CRICK ? ? ? 
hydrog26 hydrog ? ? A DC 10 O2 ? ? ? 1_555 B G  1  N2 ? ? A DC 10 B G  11 1_555 ? ? ? ? ? ? WATSON-CRICK ? ? ? 
# 
_struct_conn_type.id          hydrog 
_struct_conn_type.criteria    ? 
_struct_conn_type.reference   ? 
# 
_struct_site.id                   AC1 
_struct_site.pdbx_evidence_code   Software 
_struct_site.pdbx_auth_asym_id    B 
_struct_site.pdbx_auth_comp_id    SPM 
_struct_site.pdbx_auth_seq_id     21 
_struct_site.pdbx_auth_ins_code   ? 
_struct_site.pdbx_num_residues    8 
_struct_site.details              'BINDING SITE FOR RESIDUE SPM B 21' 
# 
loop_
_struct_site_gen.id 
_struct_site_gen.site_id 
_struct_site_gen.pdbx_num_res 
_struct_site_gen.label_comp_id 
_struct_site_gen.label_asym_id 
_struct_site_gen.label_seq_id 
_struct_site_gen.pdbx_auth_ins_code 
_struct_site_gen.auth_comp_id 
_struct_site_gen.auth_asym_id 
_struct_site_gen.auth_seq_id 
_struct_site_gen.label_atom_id 
_struct_site_gen.label_alt_id 
_struct_site_gen.symmetry 
_struct_site_gen.details 
1 AC1 8 DT  A 4  ? DT  A 4  . ? 2_565 ? 
2 AC1 8 DG  A 9  ? DG  A 9  . ? 1_555 ? 
3 AC1 8 DG  A 9  ? DG  A 9  . ? 4_556 ? 
4 AC1 8 HOH D .  ? HOH A 52 . ? 4_556 ? 
5 AC1 8 HOH D .  ? HOH A 97 . ? 1_555 ? 
6 AC1 8 G   B 3  ? G   B 13 . ? 1_555 ? 
7 AC1 8 DC  B 10 ? DC  B 20 . ? 3_645 ? 
8 AC1 8 HOH E .  ? HOH B 71 . ? 4_456 ? 
# 
_pdbx_validate_symm_contact.id                1 
_pdbx_validate_symm_contact.PDB_model_num     1 
_pdbx_validate_symm_contact.auth_atom_id_1    O 
_pdbx_validate_symm_contact.auth_asym_id_1    A 
_pdbx_validate_symm_contact.auth_comp_id_1    HOH 
_pdbx_validate_symm_contact.auth_seq_id_1     53 
_pdbx_validate_symm_contact.PDB_ins_code_1    ? 
_pdbx_validate_symm_contact.label_alt_id_1    ? 
_pdbx_validate_symm_contact.site_symmetry_1   1_555 
_pdbx_validate_symm_contact.auth_atom_id_2    O 
_pdbx_validate_symm_contact.auth_asym_id_2    B 
_pdbx_validate_symm_contact.auth_comp_id_2    HOH 
_pdbx_validate_symm_contact.auth_seq_id_2     45 
_pdbx_validate_symm_contact.PDB_ins_code_2    ? 
_pdbx_validate_symm_contact.label_alt_id_2    ? 
_pdbx_validate_symm_contact.site_symmetry_2   1_455 
_pdbx_validate_symm_contact.dist              2.10 
# 
loop_
_pdbx_validate_rmsd_bond.id 
_pdbx_validate_rmsd_bond.PDB_model_num 
_pdbx_validate_rmsd_bond.auth_atom_id_1 
_pdbx_validate_rmsd_bond.auth_asym_id_1 
_pdbx_validate_rmsd_bond.auth_comp_id_1 
_pdbx_validate_rmsd_bond.auth_seq_id_1 
_pdbx_validate_rmsd_bond.PDB_ins_code_1 
_pdbx_validate_rmsd_bond.label_alt_id_1 
_pdbx_validate_rmsd_bond.auth_atom_id_2 
_pdbx_validate_rmsd_bond.auth_asym_id_2 
_pdbx_validate_rmsd_bond.auth_comp_id_2 
_pdbx_validate_rmsd_bond.auth_seq_id_2 
_pdbx_validate_rmsd_bond.PDB_ins_code_2 
_pdbx_validate_rmsd_bond.label_alt_id_2 
_pdbx_validate_rmsd_bond.bond_value 
_pdbx_validate_rmsd_bond.bond_target_value 
_pdbx_validate_rmsd_bond.bond_deviation 
_pdbx_validate_rmsd_bond.bond_standard_deviation 
_pdbx_validate_rmsd_bond.linker_flag 
1  1 "C2'" A DG 1  ? ? "C1'" A DG 1  ? ? 1.606 1.519 0.087  0.010 N 
2  1 C6    A DG 1  ? ? N1    A DG 1  ? ? 1.333 1.391 -0.058 0.007 N 
3  1 C2    A DG 1  ? ? N2    A DG 1  ? ? 1.231 1.341 -0.110 0.010 N 
4  1 "O3'" A DG 2  ? ? "C3'" A DG 2  ? ? 1.360 1.419 -0.059 0.006 N 
5  1 C6    A DG 2  ? ? N1    A DG 2  ? ? 1.339 1.391 -0.052 0.007 N 
6  1 C2    A DG 2  ? ? N2    A DG 2  ? ? 1.229 1.341 -0.112 0.010 N 
7  1 "O4'" A DG 3  ? ? "C1'" A DG 3  ? ? 1.496 1.420 0.076  0.011 N 
8  1 "O3'" A DG 3  ? ? "C3'" A DG 3  ? ? 1.366 1.419 -0.053 0.006 N 
9  1 C6    A DG 3  ? ? N1    A DG 3  ? ? 1.334 1.391 -0.057 0.007 N 
10 1 C2    A DG 3  ? ? N2    A DG 3  ? ? 1.235 1.341 -0.106 0.010 N 
11 1 "O3'" A DT 4  ? ? "C3'" A DT 4  ? ? 1.337 1.419 -0.082 0.006 N 
12 1 C8    A DA 7  ? ? N9    A DA 7  ? ? 1.322 1.373 -0.051 0.008 N 
13 1 "C5'" A DC 8  ? ? "C4'" A DC 8  ? ? 1.556 1.512 0.044  0.007 N 
14 1 N3    A DC 8  ? ? C4    A DC 8  ? ? 1.382 1.335 0.047  0.007 N 
15 1 "O3'" A DG 9  ? ? "C3'" A DG 9  ? ? 1.363 1.419 -0.056 0.006 N 
16 1 C6    A DG 9  ? ? N1    A DG 9  ? ? 1.336 1.391 -0.055 0.007 N 
17 1 C2    A DG 9  ? ? N2    A DG 9  ? ? 1.225 1.341 -0.116 0.010 N 
18 1 N3    A DC 10 ? ? C4    A DC 10 ? ? 1.386 1.335 0.051  0.007 N 
19 1 "C2'" B G  11 ? ? "C1'" B G  11 ? ? 1.630 1.529 0.101  0.011 N 
20 1 C6    B G  11 ? ? N1    B G  11 ? ? 1.335 1.391 -0.056 0.007 N 
21 1 C2    B G  11 ? ? N2    B G  11 ? ? 1.232 1.341 -0.109 0.010 N 
22 1 C6    B G  13 ? ? N1    B G  13 ? ? 1.334 1.391 -0.057 0.007 N 
23 1 C2    B G  13 ? ? N2    B G  13 ? ? 1.233 1.341 -0.108 0.010 N 
24 1 "C2'" B DT 14 ? ? "C1'" B DT 14 ? ? 1.598 1.519 0.079  0.010 N 
25 1 P     B DA 15 ? ? "O5'" B DA 15 ? ? 1.654 1.593 0.061  0.010 N 
26 1 "O3'" B DA 15 ? ? "C3'" B DA 15 ? ? 1.376 1.419 -0.043 0.006 N 
27 1 "C2'" B DT 16 ? ? "C1'" B DT 16 ? ? 1.593 1.519 0.074  0.010 N 
28 1 "C2'" B DC 18 ? ? "C1'" B DC 18 ? ? 1.584 1.519 0.065  0.010 N 
29 1 N3    B DC 18 ? ? C4    B DC 18 ? ? 1.386 1.335 0.051  0.007 N 
30 1 "O3'" B DC 19 ? ? "C3'" B DC 19 ? ? 1.365 1.419 -0.054 0.006 N 
31 1 N3    B DC 19 ? ? C4    B DC 19 ? ? 1.381 1.335 0.046  0.007 N 
32 1 N3    B DC 20 ? ? C4    B DC 20 ? ? 1.378 1.335 0.043  0.007 N 
# 
loop_
_pdbx_validate_rmsd_angle.id 
_pdbx_validate_rmsd_angle.PDB_model_num 
_pdbx_validate_rmsd_angle.auth_atom_id_1 
_pdbx_validate_rmsd_angle.auth_asym_id_1 
_pdbx_validate_rmsd_angle.auth_comp_id_1 
_pdbx_validate_rmsd_angle.auth_seq_id_1 
_pdbx_validate_rmsd_angle.PDB_ins_code_1 
_pdbx_validate_rmsd_angle.label_alt_id_1 
_pdbx_validate_rmsd_angle.auth_atom_id_2 
_pdbx_validate_rmsd_angle.auth_asym_id_2 
_pdbx_validate_rmsd_angle.auth_comp_id_2 
_pdbx_validate_rmsd_angle.auth_seq_id_2 
_pdbx_validate_rmsd_angle.PDB_ins_code_2 
_pdbx_validate_rmsd_angle.label_alt_id_2 
_pdbx_validate_rmsd_angle.auth_atom_id_3 
_pdbx_validate_rmsd_angle.auth_asym_id_3 
_pdbx_validate_rmsd_angle.auth_comp_id_3 
_pdbx_validate_rmsd_angle.auth_seq_id_3 
_pdbx_validate_rmsd_angle.PDB_ins_code_3 
_pdbx_validate_rmsd_angle.label_alt_id_3 
_pdbx_validate_rmsd_angle.angle_value 
_pdbx_validate_rmsd_angle.angle_target_value 
_pdbx_validate_rmsd_angle.angle_deviation 
_pdbx_validate_rmsd_angle.angle_standard_deviation 
_pdbx_validate_rmsd_angle.linker_flag 
1   1 "O4'" A DG 1  ? ? "C1'" A DG 1  ? ? "C2'" A DG 1  ? ? 99.50  105.90 -6.40  0.80 N 
2   1 "O4'" A DG 1  ? ? "C1'" A DG 1  ? ? N9    A DG 1  ? ? 112.40 108.30 4.10   0.30 N 
3   1 C6    A DG 1  ? ? N1    A DG 1  ? ? C2    A DG 1  ? ? 119.73 125.10 -5.37  0.60 N 
4   1 N1    A DG 1  ? ? C2    A DG 1  ? ? N3    A DG 1  ? ? 128.46 123.90 4.56   0.60 N 
5   1 C5    A DG 1  ? ? C6    A DG 1  ? ? N1    A DG 1  ? ? 117.46 111.50 5.96   0.50 N 
6   1 N1    A DG 1  ? ? C2    A DG 1  ? ? N2    A DG 1  ? ? 122.95 116.20 6.75   0.90 N 
7   1 N3    A DG 1  ? ? C2    A DG 1  ? ? N2    A DG 1  ? ? 108.60 119.90 -11.30 0.70 N 
8   1 C5    A DG 1  ? ? C6    A DG 1  ? ? O6    A DG 1  ? ? 122.50 128.60 -6.10  0.60 N 
9   1 "O5'" A DG 2  ? ? P     A DG 2  ? ? OP1   A DG 2  ? ? 97.28  105.70 -8.42  0.90 N 
10  1 P     A DG 2  ? ? "O5'" A DG 2  ? ? "C5'" A DG 2  ? ? 109.01 120.90 -11.89 1.60 N 
11  1 "O4'" A DG 2  ? ? "C4'" A DG 2  ? ? "C3'" A DG 2  ? ? 102.09 104.50 -2.41  0.40 N 
12  1 "O4'" A DG 2  ? ? "C1'" A DG 2  ? ? N9    A DG 2  ? ? 112.98 108.30 4.68   0.30 N 
13  1 C6    A DG 2  ? ? N1    A DG 2  ? ? C2    A DG 2  ? ? 118.73 125.10 -6.37  0.60 N 
14  1 N1    A DG 2  ? ? C2    A DG 2  ? ? N3    A DG 2  ? ? 128.55 123.90 4.65   0.60 N 
15  1 C5    A DG 2  ? ? C6    A DG 2  ? ? N1    A DG 2  ? ? 117.97 111.50 6.47   0.50 N 
16  1 N3    A DG 2  ? ? C2    A DG 2  ? ? N2    A DG 2  ? ? 111.03 119.90 -8.87  0.70 N 
17  1 C5    A DG 2  ? ? C6    A DG 2  ? ? O6    A DG 2  ? ? 123.91 128.60 -4.69  0.60 N 
18  1 "C3'" A DG 2  ? ? "O3'" A DG 2  ? ? P     A DG 3  ? ? 129.36 119.70 9.66   1.20 Y 
19  1 "O5'" A DG 3  ? ? P     A DG 3  ? ? OP1   A DG 3  ? ? 100.18 105.70 -5.52  0.90 N 
20  1 "O4'" A DG 3  ? ? "C4'" A DG 3  ? ? "C3'" A DG 3  ? ? 100.02 104.50 -4.48  0.40 N 
21  1 "C3'" A DG 3  ? ? "C2'" A DG 3  ? ? "C1'" A DG 3  ? ? 97.17  102.40 -5.23  0.80 N 
22  1 C6    A DG 3  ? ? N1    A DG 3  ? ? C2    A DG 3  ? ? 118.72 125.10 -6.38  0.60 N 
23  1 N1    A DG 3  ? ? C2    A DG 3  ? ? N3    A DG 3  ? ? 129.94 123.90 6.04   0.60 N 
24  1 C5    A DG 3  ? ? C6    A DG 3  ? ? N1    A DG 3  ? ? 117.16 111.50 5.66   0.50 N 
25  1 N3    A DG 3  ? ? C2    A DG 3  ? ? N2    A DG 3  ? ? 110.95 119.90 -8.95  0.70 N 
26  1 C5    A DG 3  ? ? C6    A DG 3  ? ? O6    A DG 3  ? ? 124.64 128.60 -3.96  0.60 N 
27  1 "O5'" A DT 4  ? ? P     A DT 4  ? ? OP2   A DT 4  ? ? 96.62  105.70 -9.08  0.90 N 
28  1 "O4'" A DT 4  ? ? "C4'" A DT 4  ? ? "C3'" A DT 4  ? ? 100.09 104.50 -4.41  0.40 N 
29  1 "C3'" A DT 4  ? ? "C2'" A DT 4  ? ? "C1'" A DT 4  ? ? 94.71  102.40 -7.69  0.80 N 
30  1 "O5'" A DA 5  ? ? P     A DA 5  ? ? OP1   A DA 5  ? ? 99.22  105.70 -6.48  0.90 N 
31  1 "O4'" A DA 5  ? ? "C1'" A DA 5  ? ? N9    A DA 5  ? ? 113.09 108.30 4.79   0.30 N 
32  1 "O5'" A DT 6  ? ? P     A DT 6  ? ? OP1   A DT 6  ? ? 98.29  105.70 -7.41  0.90 N 
33  1 "O5'" A DT 6  ? ? "C5'" A DT 6  ? ? "C4'" A DT 6  ? ? 103.37 109.40 -6.03  0.80 N 
34  1 "O4'" A DT 6  ? ? "C1'" A DT 6  ? ? N1    A DT 6  ? ? 115.01 108.30 6.71   0.30 N 
35  1 C4    A DT 6  ? ? C5    A DT 6  ? ? C7    A DT 6  ? ? 122.80 119.00 3.80   0.60 N 
36  1 C6    A DT 6  ? ? C5    A DT 6  ? ? C7    A DT 6  ? ? 118.03 122.90 -4.87  0.60 N 
37  1 "O5'" A DA 7  ? ? P     A DA 7  ? ? OP1   A DA 7  ? ? 98.31  105.70 -7.39  0.90 N 
38  1 "O4'" A DA 7  ? ? "C1'" A DA 7  ? ? N9    A DA 7  ? ? 115.23 108.30 6.93   0.30 N 
39  1 "O5'" A DC 8  ? ? "C5'" A DC 8  ? ? "C4'" A DC 8  ? ? 101.25 109.40 -8.15  0.80 N 
40  1 "O4'" A DC 8  ? ? "C4'" A DC 8  ? ? "C3'" A DC 8  ? ? 100.38 104.50 -4.12  0.40 N 
41  1 C2    A DC 8  ? ? N3    A DC 8  ? ? C4    A DC 8  ? ? 124.54 119.90 4.64   0.50 N 
42  1 N3    A DC 8  ? ? C4    A DC 8  ? ? C5    A DC 8  ? ? 117.23 121.90 -4.67  0.40 N 
43  1 C5    A DC 8  ? ? C6    A DC 8  ? ? N1    A DC 8  ? ? 124.33 121.00 3.33   0.50 N 
44  1 N1    A DC 8  ? ? C2    A DC 8  ? ? O2    A DC 8  ? ? 124.81 118.90 5.91   0.60 N 
45  1 C5    A DC 8  ? ? C4    A DC 8  ? ? N4    A DC 8  ? ? 125.03 120.20 4.83   0.70 N 
46  1 "O4'" A DG 9  ? ? "C4'" A DG 9  ? ? "C3'" A DG 9  ? ? 99.52  104.50 -4.98  0.40 N 
47  1 "O4'" A DG 9  ? ? "C1'" A DG 9  ? ? N9    A DG 9  ? ? 113.21 108.30 4.91   0.30 N 
48  1 C6    A DG 9  ? ? N1    A DG 9  ? ? C2    A DG 9  ? ? 118.91 125.10 -6.19  0.60 N 
49  1 N1    A DG 9  ? ? C2    A DG 9  ? ? N3    A DG 9  ? ? 129.68 123.90 5.78   0.60 N 
50  1 C5    A DG 9  ? ? C6    A DG 9  ? ? N1    A DG 9  ? ? 116.93 111.50 5.43   0.50 N 
51  1 N3    A DG 9  ? ? C2    A DG 9  ? ? N2    A DG 9  ? ? 110.20 119.90 -9.70  0.70 N 
52  1 C5    A DG 9  ? ? C6    A DG 9  ? ? O6    A DG 9  ? ? 123.86 128.60 -4.74  0.60 N 
53  1 "O5'" A DC 10 ? ? P     A DC 10 ? ? OP1   A DC 10 ? ? 98.45  105.70 -7.25  0.90 N 
54  1 "O4'" A DC 10 ? ? "C1'" A DC 10 ? ? N1    A DC 10 ? ? 111.48 108.30 3.18   0.30 N 
55  1 C2    A DC 10 ? ? N3    A DC 10 ? ? C4    A DC 10 ? ? 124.16 119.90 4.26   0.50 N 
56  1 N3    A DC 10 ? ? C4    A DC 10 ? ? C5    A DC 10 ? ? 116.71 121.90 -5.19  0.40 N 
57  1 N1    A DC 10 ? ? C2    A DC 10 ? ? O2    A DC 10 ? ? 123.57 118.90 4.67   0.60 N 
58  1 C5    A DC 10 ? ? C4    A DC 10 ? ? N4    A DC 10 ? ? 125.48 120.20 5.28   0.70 N 
59  1 "C4'" B G  11 ? ? "C3'" B G  11 ? ? "C2'" B G  11 ? ? 95.37  102.60 -7.23  1.00 N 
60  1 N9    B G  11 ? ? "C1'" B G  11 ? ? "C2'" B G  11 ? ? 102.25 112.00 -9.75  1.10 N 
61  1 "O4'" B G  11 ? ? "C1'" B G  11 ? ? N9    B G  11 ? ? 122.96 108.50 14.46  0.70 N 
62  1 C6    B G  11 ? ? N1    B G  11 ? ? C2    B G  11 ? ? 118.87 125.10 -6.23  0.60 N 
63  1 N1    B G  11 ? ? C2    B G  11 ? ? N3    B G  11 ? ? 128.94 123.90 5.04   0.60 N 
64  1 C5    B G  11 ? ? C6    B G  11 ? ? N1    B G  11 ? ? 117.91 111.50 6.41   0.50 N 
65  1 N3    B G  11 ? ? C2    B G  11 ? ? N2    B G  11 ? ? 109.66 119.90 -10.24 0.70 N 
66  1 C5    B G  11 ? ? C6    B G  11 ? ? O6    B G  11 ? ? 122.42 128.60 -6.18  0.60 N 
67  1 "O5'" B C  12 ? ? P     B C  12 ? ? OP1   B C  12 ? ? 97.73  105.70 -7.97  0.90 N 
68  1 C2    B C  12 ? ? N3    B C  12 ? ? C4    B C  12 ? ? 124.63 119.90 4.73   0.50 N 
69  1 N3    B C  12 ? ? C4    B C  12 ? ? C5    B C  12 ? ? 117.32 121.90 -4.58  0.40 N 
70  1 N1    B C  12 ? ? C2    B C  12 ? ? O2    B C  12 ? ? 125.14 118.90 6.24   0.60 N 
71  1 "O5'" B G  13 ? ? P     B G  13 ? ? OP1   B G  13 ? ? 99.13  105.70 -6.57  0.90 N 
72  1 N9    B G  13 ? ? "C1'" B G  13 ? ? "C2'" B G  13 ? ? 105.21 112.00 -6.79  1.10 N 
73  1 C6    B G  13 ? ? N1    B G  13 ? ? C2    B G  13 ? ? 118.96 125.10 -6.14  0.60 N 
74  1 N1    B G  13 ? ? C2    B G  13 ? ? N3    B G  13 ? ? 129.55 123.90 5.65   0.60 N 
75  1 C5    B G  13 ? ? C6    B G  13 ? ? N1    B G  13 ? ? 117.69 111.50 6.19   0.50 N 
76  1 N3    B G  13 ? ? C2    B G  13 ? ? N2    B G  13 ? ? 109.38 119.90 -10.52 0.70 N 
77  1 C5    B G  13 ? ? C6    B G  13 ? ? O6    B G  13 ? ? 122.38 128.60 -6.22  0.60 N 
78  1 "O5'" B DT 14 ? ? P     B DT 14 ? ? OP1   B DT 14 ? ? 96.61  105.70 -9.09  0.90 N 
79  1 "O4'" B DT 14 ? ? "C4'" B DT 14 ? ? "C3'" B DT 14 ? ? 101.18 104.50 -3.32  0.40 N 
80  1 "C5'" B DT 14 ? ? "C4'" B DT 14 ? ? "O4'" B DT 14 ? ? 116.70 109.80 6.90   1.10 N 
81  1 "O4'" B DT 14 ? ? "C1'" B DT 14 ? ? N1    B DT 14 ? ? 112.43 108.30 4.13   0.30 N 
82  1 N3    B DT 14 ? ? C2    B DT 14 ? ? O2    B DT 14 ? ? 117.31 122.30 -4.99  0.60 N 
83  1 "O5'" B DA 15 ? ? P     B DA 15 ? ? OP1   B DA 15 ? ? 100.13 105.70 -5.57  0.90 N 
84  1 "O4'" B DA 15 ? ? "C4'" B DA 15 ? ? "C3'" B DA 15 ? ? 101.61 104.50 -2.89  0.40 N 
85  1 "O4'" B DA 15 ? ? "C1'" B DA 15 ? ? N9    B DA 15 ? ? 110.92 108.30 2.62   0.30 N 
86  1 "O5'" B DT 16 ? ? P     B DT 16 ? ? OP1   B DT 16 ? ? 97.89  105.70 -7.81  0.90 N 
87  1 "O5'" B DT 16 ? ? P     B DT 16 ? ? OP2   B DT 16 ? ? 118.11 110.70 7.41   1.20 N 
88  1 P     B DT 16 ? ? "O5'" B DT 16 ? ? "C5'" B DT 16 ? ? 108.45 120.90 -12.45 1.60 N 
89  1 "O4'" B DT 16 ? ? "C1'" B DT 16 ? ? N1    B DT 16 ? ? 112.95 108.30 4.65   0.30 N 
90  1 "O5'" B DA 17 ? ? P     B DA 17 ? ? OP2   B DA 17 ? ? 97.45  105.70 -8.25  0.90 N 
91  1 "O5'" B DA 17 ? ? "C5'" B DA 17 ? ? "C4'" B DA 17 ? ? 103.93 109.40 -5.47  0.80 N 
92  1 P     B DA 17 ? ? "O5'" B DA 17 ? ? "C5'" B DA 17 ? ? 108.89 120.90 -12.01 1.60 N 
93  1 "O4'" B DA 17 ? ? "C4'" B DA 17 ? ? "C3'" B DA 17 ? ? 100.82 104.50 -3.68  0.40 N 
94  1 "O5'" B DC 18 ? ? P     B DC 18 ? ? OP1   B DC 18 ? ? 95.69  105.70 -10.01 0.90 N 
95  1 P     B DC 18 ? ? "O5'" B DC 18 ? ? "C5'" B DC 18 ? ? 111.28 120.90 -9.62  1.60 N 
96  1 "O4'" B DC 18 ? ? "C4'" B DC 18 ? ? "C3'" B DC 18 ? ? 101.68 104.50 -2.82  0.40 N 
97  1 "O4'" B DC 18 ? ? "C1'" B DC 18 ? ? N1    B DC 18 ? ? 110.58 108.30 2.28   0.30 N 
98  1 C2    B DC 18 ? ? N3    B DC 18 ? ? C4    B DC 18 ? ? 124.19 119.90 4.29   0.50 N 
99  1 N3    B DC 18 ? ? C4    B DC 18 ? ? C5    B DC 18 ? ? 116.92 121.90 -4.98  0.40 N 
100 1 N1    B DC 18 ? ? C2    B DC 18 ? ? O2    B DC 18 ? ? 124.90 118.90 6.00   0.60 N 
101 1 C5    B DC 18 ? ? C4    B DC 18 ? ? N4    B DC 18 ? ? 124.75 120.20 4.55   0.70 N 
102 1 "O5'" B DC 19 ? ? P     B DC 19 ? ? OP2   B DC 19 ? ? 97.84  105.70 -7.86  0.90 N 
103 1 "O5'" B DC 19 ? ? "C5'" B DC 19 ? ? "C4'" B DC 19 ? ? 102.71 109.40 -6.69  0.80 N 
104 1 "O4'" B DC 19 ? ? "C1'" B DC 19 ? ? N1    B DC 19 ? ? 112.27 108.30 3.97   0.30 N 
105 1 C2    B DC 19 ? ? N3    B DC 19 ? ? C4    B DC 19 ? ? 124.48 119.90 4.58   0.50 N 
106 1 N3    B DC 19 ? ? C4    B DC 19 ? ? C5    B DC 19 ? ? 116.95 121.90 -4.95  0.40 N 
107 1 C5    B DC 19 ? ? C6    B DC 19 ? ? N1    B DC 19 ? ? 124.83 121.00 3.83   0.50 N 
108 1 N1    B DC 19 ? ? C2    B DC 19 ? ? O2    B DC 19 ? ? 125.31 118.90 6.41   0.60 N 
109 1 N3    B DC 19 ? ? C2    B DC 19 ? ? O2    B DC 19 ? ? 117.52 121.90 -4.38  0.70 N 
110 1 C5    B DC 19 ? ? C4    B DC 19 ? ? N4    B DC 19 ? ? 126.43 120.20 6.23   0.70 N 
111 1 "C3'" B DC 19 ? ? "O3'" B DC 19 ? ? P     B DC 20 ? ? 129.64 119.70 9.94   1.20 Y 
112 1 "O5'" B DC 20 ? ? P     B DC 20 ? ? OP2   B DC 20 ? ? 98.47  105.70 -7.23  0.90 N 
113 1 C2    B DC 20 ? ? N3    B DC 20 ? ? C4    B DC 20 ? ? 124.35 119.90 4.45   0.50 N 
114 1 N3    B DC 20 ? ? C4    B DC 20 ? ? C5    B DC 20 ? ? 117.71 121.90 -4.19  0.40 N 
115 1 N1    B DC 20 ? ? C2    B DC 20 ? ? O2    B DC 20 ? ? 124.93 118.90 6.03   0.60 N 
# 
loop_
_refine_B_iso.class 
_refine_B_iso.details 
_refine_B_iso.treatment 
_refine_B_iso.pdbx_refine_id 
'ALL ATOMS'  TF isotropic 'X-RAY DIFFRACTION' 
'ALL WATERS' TF isotropic 'X-RAY DIFFRACTION' 
# 
loop_
_refine_occupancy.class 
_refine_occupancy.treatment 
_refine_occupancy.pdbx_refine_id 
'ALL ATOMS'  fix 'X-RAY DIFFRACTION' 
'ALL WATERS' fix 'X-RAY DIFFRACTION' 
# 
loop_
_chem_comp_atom.comp_id 
_chem_comp_atom.atom_id 
_chem_comp_atom.type_symbol 
_chem_comp_atom.pdbx_aromatic_flag 
_chem_comp_atom.pdbx_stereo_config 
_chem_comp_atom.pdbx_ordinal 
C   OP3    O N N 1   
C   P      P N N 2   
C   OP1    O N N 3   
C   OP2    O N N 4   
C   "O5'"  O N N 5   
C   "C5'"  C N N 6   
C   "C4'"  C N R 7   
C   "O4'"  O N N 8   
C   "C3'"  C N S 9   
C   "O3'"  O N N 10  
C   "C2'"  C N R 11  
C   "O2'"  O N N 12  
C   "C1'"  C N R 13  
C   N1     N N N 14  
C   C2     C N N 15  
C   O2     O N N 16  
C   N3     N N N 17  
C   C4     C N N 18  
C   N4     N N N 19  
C   C5     C N N 20  
C   C6     C N N 21  
C   HOP3   H N N 22  
C   HOP2   H N N 23  
C   "H5'"  H N N 24  
C   "H5''" H N N 25  
C   "H4'"  H N N 26  
C   "H3'"  H N N 27  
C   "HO3'" H N N 28  
C   "H2'"  H N N 29  
C   "HO2'" H N N 30  
C   "H1'"  H N N 31  
C   H41    H N N 32  
C   H42    H N N 33  
C   H5     H N N 34  
C   H6     H N N 35  
DA  OP3    O N N 36  
DA  P      P N N 37  
DA  OP1    O N N 38  
DA  OP2    O N N 39  
DA  "O5'"  O N N 40  
DA  "C5'"  C N N 41  
DA  "C4'"  C N R 42  
DA  "O4'"  O N N 43  
DA  "C3'"  C N S 44  
DA  "O3'"  O N N 45  
DA  "C2'"  C N N 46  
DA  "C1'"  C N R 47  
DA  N9     N Y N 48  
DA  C8     C Y N 49  
DA  N7     N Y N 50  
DA  C5     C Y N 51  
DA  C6     C Y N 52  
DA  N6     N N N 53  
DA  N1     N Y N 54  
DA  C2     C Y N 55  
DA  N3     N Y N 56  
DA  C4     C Y N 57  
DA  HOP3   H N N 58  
DA  HOP2   H N N 59  
DA  "H5'"  H N N 60  
DA  "H5''" H N N 61  
DA  "H4'"  H N N 62  
DA  "H3'"  H N N 63  
DA  "HO3'" H N N 64  
DA  "H2'"  H N N 65  
DA  "H2''" H N N 66  
DA  "H1'"  H N N 67  
DA  H8     H N N 68  
DA  H61    H N N 69  
DA  H62    H N N 70  
DA  H2     H N N 71  
DC  OP3    O N N 72  
DC  P      P N N 73  
DC  OP1    O N N 74  
DC  OP2    O N N 75  
DC  "O5'"  O N N 76  
DC  "C5'"  C N N 77  
DC  "C4'"  C N R 78  
DC  "O4'"  O N N 79  
DC  "C3'"  C N S 80  
DC  "O3'"  O N N 81  
DC  "C2'"  C N N 82  
DC  "C1'"  C N R 83  
DC  N1     N N N 84  
DC  C2     C N N 85  
DC  O2     O N N 86  
DC  N3     N N N 87  
DC  C4     C N N 88  
DC  N4     N N N 89  
DC  C5     C N N 90  
DC  C6     C N N 91  
DC  HOP3   H N N 92  
DC  HOP2   H N N 93  
DC  "H5'"  H N N 94  
DC  "H5''" H N N 95  
DC  "H4'"  H N N 96  
DC  "H3'"  H N N 97  
DC  "HO3'" H N N 98  
DC  "H2'"  H N N 99  
DC  "H2''" H N N 100 
DC  "H1'"  H N N 101 
DC  H41    H N N 102 
DC  H42    H N N 103 
DC  H5     H N N 104 
DC  H6     H N N 105 
DG  OP3    O N N 106 
DG  P      P N N 107 
DG  OP1    O N N 108 
DG  OP2    O N N 109 
DG  "O5'"  O N N 110 
DG  "C5'"  C N N 111 
DG  "C4'"  C N R 112 
DG  "O4'"  O N N 113 
DG  "C3'"  C N S 114 
DG  "O3'"  O N N 115 
DG  "C2'"  C N N 116 
DG  "C1'"  C N R 117 
DG  N9     N Y N 118 
DG  C8     C Y N 119 
DG  N7     N Y N 120 
DG  C5     C Y N 121 
DG  C6     C N N 122 
DG  O6     O N N 123 
DG  N1     N N N 124 
DG  C2     C N N 125 
DG  N2     N N N 126 
DG  N3     N N N 127 
DG  C4     C Y N 128 
DG  HOP3   H N N 129 
DG  HOP2   H N N 130 
DG  "H5'"  H N N 131 
DG  "H5''" H N N 132 
DG  "H4'"  H N N 133 
DG  "H3'"  H N N 134 
DG  "HO3'" H N N 135 
DG  "H2'"  H N N 136 
DG  "H2''" H N N 137 
DG  "H1'"  H N N 138 
DG  H8     H N N 139 
DG  H1     H N N 140 
DG  H21    H N N 141 
DG  H22    H N N 142 
DT  OP3    O N N 143 
DT  P      P N N 144 
DT  OP1    O N N 145 
DT  OP2    O N N 146 
DT  "O5'"  O N N 147 
DT  "C5'"  C N N 148 
DT  "C4'"  C N R 149 
DT  "O4'"  O N N 150 
DT  "C3'"  C N S 151 
DT  "O3'"  O N N 152 
DT  "C2'"  C N N 153 
DT  "C1'"  C N R 154 
DT  N1     N N N 155 
DT  C2     C N N 156 
DT  O2     O N N 157 
DT  N3     N N N 158 
DT  C4     C N N 159 
DT  O4     O N N 160 
DT  C5     C N N 161 
DT  C7     C N N 162 
DT  C6     C N N 163 
DT  HOP3   H N N 164 
DT  HOP2   H N N 165 
DT  "H5'"  H N N 166 
DT  "H5''" H N N 167 
DT  "H4'"  H N N 168 
DT  "H3'"  H N N 169 
DT  "HO3'" H N N 170 
DT  "H2'"  H N N 171 
DT  "H2''" H N N 172 
DT  "H1'"  H N N 173 
DT  H3     H N N 174 
DT  H71    H N N 175 
DT  H72    H N N 176 
DT  H73    H N N 177 
DT  H6     H N N 178 
G   OP3    O N N 179 
G   P      P N N 180 
G   OP1    O N N 181 
G   OP2    O N N 182 
G   "O5'"  O N N 183 
G   "C5'"  C N N 184 
G   "C4'"  C N R 185 
G   "O4'"  O N N 186 
G   "C3'"  C N S 187 
G   "O3'"  O N N 188 
G   "C2'"  C N R 189 
G   "O2'"  O N N 190 
G   "C1'"  C N R 191 
G   N9     N Y N 192 
G   C8     C Y N 193 
G   N7     N Y N 194 
G   C5     C Y N 195 
G   C6     C N N 196 
G   O6     O N N 197 
G   N1     N N N 198 
G   C2     C N N 199 
G   N2     N N N 200 
G   N3     N N N 201 
G   C4     C Y N 202 
G   HOP3   H N N 203 
G   HOP2   H N N 204 
G   "H5'"  H N N 205 
G   "H5''" H N N 206 
G   "H4'"  H N N 207 
G   "H3'"  H N N 208 
G   "HO3'" H N N 209 
G   "H2'"  H N N 210 
G   "HO2'" H N N 211 
G   "H1'"  H N N 212 
G   H8     H N N 213 
G   H1     H N N 214 
G   H21    H N N 215 
G   H22    H N N 216 
HOH O      O N N 217 
HOH H1     H N N 218 
HOH H2     H N N 219 
SPM N1     N N N 220 
SPM C2     C N N 221 
SPM C3     C N N 222 
SPM C4     C N N 223 
SPM N5     N N N 224 
SPM C6     C N N 225 
SPM C7     C N N 226 
SPM C8     C N N 227 
SPM C9     C N N 228 
SPM N10    N N N 229 
SPM C11    C N N 230 
SPM C12    C N N 231 
SPM C13    C N N 232 
SPM N14    N N N 233 
SPM HN11   H N N 234 
SPM HN12   H N N 235 
SPM H21    H N N 236 
SPM H22    H N N 237 
SPM H31    H N N 238 
SPM H32    H N N 239 
SPM H41    H N N 240 
SPM H42    H N N 241 
SPM HN5    H N N 242 
SPM H61    H N N 243 
SPM H62    H N N 244 
SPM H71    H N N 245 
SPM H72    H N N 246 
SPM H81    H N N 247 
SPM H82    H N N 248 
SPM H91    H N N 249 
SPM H92    H N N 250 
SPM HN0    H N N 251 
SPM H111   H N N 252 
SPM H112   H N N 253 
SPM H121   H N N 254 
SPM H122   H N N 255 
SPM H131   H N N 256 
SPM H132   H N N 257 
SPM HN41   H N N 258 
SPM HN42   H N N 259 
# 
loop_
_chem_comp_bond.comp_id 
_chem_comp_bond.atom_id_1 
_chem_comp_bond.atom_id_2 
_chem_comp_bond.value_order 
_chem_comp_bond.pdbx_aromatic_flag 
_chem_comp_bond.pdbx_stereo_config 
_chem_comp_bond.pdbx_ordinal 
C   OP3   P      sing N N 1   
C   OP3   HOP3   sing N N 2   
C   P     OP1    doub N N 3   
C   P     OP2    sing N N 4   
C   P     "O5'"  sing N N 5   
C   OP2   HOP2   sing N N 6   
C   "O5'" "C5'"  sing N N 7   
C   "C5'" "C4'"  sing N N 8   
C   "C5'" "H5'"  sing N N 9   
C   "C5'" "H5''" sing N N 10  
C   "C4'" "O4'"  sing N N 11  
C   "C4'" "C3'"  sing N N 12  
C   "C4'" "H4'"  sing N N 13  
C   "O4'" "C1'"  sing N N 14  
C   "C3'" "O3'"  sing N N 15  
C   "C3'" "C2'"  sing N N 16  
C   "C3'" "H3'"  sing N N 17  
C   "O3'" "HO3'" sing N N 18  
C   "C2'" "O2'"  sing N N 19  
C   "C2'" "C1'"  sing N N 20  
C   "C2'" "H2'"  sing N N 21  
C   "O2'" "HO2'" sing N N 22  
C   "C1'" N1     sing N N 23  
C   "C1'" "H1'"  sing N N 24  
C   N1    C2     sing N N 25  
C   N1    C6     sing N N 26  
C   C2    O2     doub N N 27  
C   C2    N3     sing N N 28  
C   N3    C4     doub N N 29  
C   C4    N4     sing N N 30  
C   C4    C5     sing N N 31  
C   N4    H41    sing N N 32  
C   N4    H42    sing N N 33  
C   C5    C6     doub N N 34  
C   C5    H5     sing N N 35  
C   C6    H6     sing N N 36  
DA  OP3   P      sing N N 37  
DA  OP3   HOP3   sing N N 38  
DA  P     OP1    doub N N 39  
DA  P     OP2    sing N N 40  
DA  P     "O5'"  sing N N 41  
DA  OP2   HOP2   sing N N 42  
DA  "O5'" "C5'"  sing N N 43  
DA  "C5'" "C4'"  sing N N 44  
DA  "C5'" "H5'"  sing N N 45  
DA  "C5'" "H5''" sing N N 46  
DA  "C4'" "O4'"  sing N N 47  
DA  "C4'" "C3'"  sing N N 48  
DA  "C4'" "H4'"  sing N N 49  
DA  "O4'" "C1'"  sing N N 50  
DA  "C3'" "O3'"  sing N N 51  
DA  "C3'" "C2'"  sing N N 52  
DA  "C3'" "H3'"  sing N N 53  
DA  "O3'" "HO3'" sing N N 54  
DA  "C2'" "C1'"  sing N N 55  
DA  "C2'" "H2'"  sing N N 56  
DA  "C2'" "H2''" sing N N 57  
DA  "C1'" N9     sing N N 58  
DA  "C1'" "H1'"  sing N N 59  
DA  N9    C8     sing Y N 60  
DA  N9    C4     sing Y N 61  
DA  C8    N7     doub Y N 62  
DA  C8    H8     sing N N 63  
DA  N7    C5     sing Y N 64  
DA  C5    C6     sing Y N 65  
DA  C5    C4     doub Y N 66  
DA  C6    N6     sing N N 67  
DA  C6    N1     doub Y N 68  
DA  N6    H61    sing N N 69  
DA  N6    H62    sing N N 70  
DA  N1    C2     sing Y N 71  
DA  C2    N3     doub Y N 72  
DA  C2    H2     sing N N 73  
DA  N3    C4     sing Y N 74  
DC  OP3   P      sing N N 75  
DC  OP3   HOP3   sing N N 76  
DC  P     OP1    doub N N 77  
DC  P     OP2    sing N N 78  
DC  P     "O5'"  sing N N 79  
DC  OP2   HOP2   sing N N 80  
DC  "O5'" "C5'"  sing N N 81  
DC  "C5'" "C4'"  sing N N 82  
DC  "C5'" "H5'"  sing N N 83  
DC  "C5'" "H5''" sing N N 84  
DC  "C4'" "O4'"  sing N N 85  
DC  "C4'" "C3'"  sing N N 86  
DC  "C4'" "H4'"  sing N N 87  
DC  "O4'" "C1'"  sing N N 88  
DC  "C3'" "O3'"  sing N N 89  
DC  "C3'" "C2'"  sing N N 90  
DC  "C3'" "H3'"  sing N N 91  
DC  "O3'" "HO3'" sing N N 92  
DC  "C2'" "C1'"  sing N N 93  
DC  "C2'" "H2'"  sing N N 94  
DC  "C2'" "H2''" sing N N 95  
DC  "C1'" N1     sing N N 96  
DC  "C1'" "H1'"  sing N N 97  
DC  N1    C2     sing N N 98  
DC  N1    C6     sing N N 99  
DC  C2    O2     doub N N 100 
DC  C2    N3     sing N N 101 
DC  N3    C4     doub N N 102 
DC  C4    N4     sing N N 103 
DC  C4    C5     sing N N 104 
DC  N4    H41    sing N N 105 
DC  N4    H42    sing N N 106 
DC  C5    C6     doub N N 107 
DC  C5    H5     sing N N 108 
DC  C6    H6     sing N N 109 
DG  OP3   P      sing N N 110 
DG  OP3   HOP3   sing N N 111 
DG  P     OP1    doub N N 112 
DG  P     OP2    sing N N 113 
DG  P     "O5'"  sing N N 114 
DG  OP2   HOP2   sing N N 115 
DG  "O5'" "C5'"  sing N N 116 
DG  "C5'" "C4'"  sing N N 117 
DG  "C5'" "H5'"  sing N N 118 
DG  "C5'" "H5''" sing N N 119 
DG  "C4'" "O4'"  sing N N 120 
DG  "C4'" "C3'"  sing N N 121 
DG  "C4'" "H4'"  sing N N 122 
DG  "O4'" "C1'"  sing N N 123 
DG  "C3'" "O3'"  sing N N 124 
DG  "C3'" "C2'"  sing N N 125 
DG  "C3'" "H3'"  sing N N 126 
DG  "O3'" "HO3'" sing N N 127 
DG  "C2'" "C1'"  sing N N 128 
DG  "C2'" "H2'"  sing N N 129 
DG  "C2'" "H2''" sing N N 130 
DG  "C1'" N9     sing N N 131 
DG  "C1'" "H1'"  sing N N 132 
DG  N9    C8     sing Y N 133 
DG  N9    C4     sing Y N 134 
DG  C8    N7     doub Y N 135 
DG  C8    H8     sing N N 136 
DG  N7    C5     sing Y N 137 
DG  C5    C6     sing N N 138 
DG  C5    C4     doub Y N 139 
DG  C6    O6     doub N N 140 
DG  C6    N1     sing N N 141 
DG  N1    C2     sing N N 142 
DG  N1    H1     sing N N 143 
DG  C2    N2     sing N N 144 
DG  C2    N3     doub N N 145 
DG  N2    H21    sing N N 146 
DG  N2    H22    sing N N 147 
DG  N3    C4     sing N N 148 
DT  OP3   P      sing N N 149 
DT  OP3   HOP3   sing N N 150 
DT  P     OP1    doub N N 151 
DT  P     OP2    sing N N 152 
DT  P     "O5'"  sing N N 153 
DT  OP2   HOP2   sing N N 154 
DT  "O5'" "C5'"  sing N N 155 
DT  "C5'" "C4'"  sing N N 156 
DT  "C5'" "H5'"  sing N N 157 
DT  "C5'" "H5''" sing N N 158 
DT  "C4'" "O4'"  sing N N 159 
DT  "C4'" "C3'"  sing N N 160 
DT  "C4'" "H4'"  sing N N 161 
DT  "O4'" "C1'"  sing N N 162 
DT  "C3'" "O3'"  sing N N 163 
DT  "C3'" "C2'"  sing N N 164 
DT  "C3'" "H3'"  sing N N 165 
DT  "O3'" "HO3'" sing N N 166 
DT  "C2'" "C1'"  sing N N 167 
DT  "C2'" "H2'"  sing N N 168 
DT  "C2'" "H2''" sing N N 169 
DT  "C1'" N1     sing N N 170 
DT  "C1'" "H1'"  sing N N 171 
DT  N1    C2     sing N N 172 
DT  N1    C6     sing N N 173 
DT  C2    O2     doub N N 174 
DT  C2    N3     sing N N 175 
DT  N3    C4     sing N N 176 
DT  N3    H3     sing N N 177 
DT  C4    O4     doub N N 178 
DT  C4    C5     sing N N 179 
DT  C5    C7     sing N N 180 
DT  C5    C6     doub N N 181 
DT  C7    H71    sing N N 182 
DT  C7    H72    sing N N 183 
DT  C7    H73    sing N N 184 
DT  C6    H6     sing N N 185 
G   OP3   P      sing N N 186 
G   OP3   HOP3   sing N N 187 
G   P     OP1    doub N N 188 
G   P     OP2    sing N N 189 
G   P     "O5'"  sing N N 190 
G   OP2   HOP2   sing N N 191 
G   "O5'" "C5'"  sing N N 192 
G   "C5'" "C4'"  sing N N 193 
G   "C5'" "H5'"  sing N N 194 
G   "C5'" "H5''" sing N N 195 
G   "C4'" "O4'"  sing N N 196 
G   "C4'" "C3'"  sing N N 197 
G   "C4'" "H4'"  sing N N 198 
G   "O4'" "C1'"  sing N N 199 
G   "C3'" "O3'"  sing N N 200 
G   "C3'" "C2'"  sing N N 201 
G   "C3'" "H3'"  sing N N 202 
G   "O3'" "HO3'" sing N N 203 
G   "C2'" "O2'"  sing N N 204 
G   "C2'" "C1'"  sing N N 205 
G   "C2'" "H2'"  sing N N 206 
G   "O2'" "HO2'" sing N N 207 
G   "C1'" N9     sing N N 208 
G   "C1'" "H1'"  sing N N 209 
G   N9    C8     sing Y N 210 
G   N9    C4     sing Y N 211 
G   C8    N7     doub Y N 212 
G   C8    H8     sing N N 213 
G   N7    C5     sing Y N 214 
G   C5    C6     sing N N 215 
G   C5    C4     doub Y N 216 
G   C6    O6     doub N N 217 
G   C6    N1     sing N N 218 
G   N1    C2     sing N N 219 
G   N1    H1     sing N N 220 
G   C2    N2     sing N N 221 
G   C2    N3     doub N N 222 
G   N2    H21    sing N N 223 
G   N2    H22    sing N N 224 
G   N3    C4     sing N N 225 
HOH O     H1     sing N N 226 
HOH O     H2     sing N N 227 
SPM N1    C2     sing N N 228 
SPM N1    HN11   sing N N 229 
SPM N1    HN12   sing N N 230 
SPM C2    C3     sing N N 231 
SPM C2    H21    sing N N 232 
SPM C2    H22    sing N N 233 
SPM C3    C4     sing N N 234 
SPM C3    H31    sing N N 235 
SPM C3    H32    sing N N 236 
SPM C4    N5     sing N N 237 
SPM C4    H41    sing N N 238 
SPM C4    H42    sing N N 239 
SPM N5    C6     sing N N 240 
SPM N5    HN5    sing N N 241 
SPM C6    C7     sing N N 242 
SPM C6    H61    sing N N 243 
SPM C6    H62    sing N N 244 
SPM C7    C8     sing N N 245 
SPM C7    H71    sing N N 246 
SPM C7    H72    sing N N 247 
SPM C8    C9     sing N N 248 
SPM C8    H81    sing N N 249 
SPM C8    H82    sing N N 250 
SPM C9    N10    sing N N 251 
SPM C9    H91    sing N N 252 
SPM C9    H92    sing N N 253 
SPM N10   C11    sing N N 254 
SPM N10   HN0    sing N N 255 
SPM C11   C12    sing N N 256 
SPM C11   H111   sing N N 257 
SPM C11   H112   sing N N 258 
SPM C12   C13    sing N N 259 
SPM C12   H121   sing N N 260 
SPM C12   H122   sing N N 261 
SPM C13   N14    sing N N 262 
SPM C13   H131   sing N N 263 
SPM C13   H132   sing N N 264 
SPM N14   HN41   sing N N 265 
SPM N14   HN42   sing N N 266 
# 
_ndb_struct_conf_na.entry_id   1OFX 
_ndb_struct_conf_na.feature    'a-form double helix' 
# 
loop_
_ndb_struct_na_base_pair.model_number 
_ndb_struct_na_base_pair.i_label_asym_id 
_ndb_struct_na_base_pair.i_label_comp_id 
_ndb_struct_na_base_pair.i_label_seq_id 
_ndb_struct_na_base_pair.i_symmetry 
_ndb_struct_na_base_pair.j_label_asym_id 
_ndb_struct_na_base_pair.j_label_comp_id 
_ndb_struct_na_base_pair.j_label_seq_id 
_ndb_struct_na_base_pair.j_symmetry 
_ndb_struct_na_base_pair.shear 
_ndb_struct_na_base_pair.stretch 
_ndb_struct_na_base_pair.stagger 
_ndb_struct_na_base_pair.buckle 
_ndb_struct_na_base_pair.propeller 
_ndb_struct_na_base_pair.opening 
_ndb_struct_na_base_pair.pair_number 
_ndb_struct_na_base_pair.pair_name 
_ndb_struct_na_base_pair.i_auth_asym_id 
_ndb_struct_na_base_pair.i_auth_seq_id 
_ndb_struct_na_base_pair.i_PDB_ins_code 
_ndb_struct_na_base_pair.j_auth_asym_id 
_ndb_struct_na_base_pair.j_auth_seq_id 
_ndb_struct_na_base_pair.j_PDB_ins_code 
_ndb_struct_na_base_pair.hbond_type_28 
_ndb_struct_na_base_pair.hbond_type_12 
1 A DG 1  1_555 B DC 10 1_555 -0.453 -0.291 0.437  -1.814  -5.369  -2.475 1  A_DG1:DC20_B A 1  ? B 20 ? 19 1 
1 A DG 2  1_555 B DC 9  1_555 0.181  -0.096 -0.110 -8.692  -10.160 1.747  2  A_DG2:DC19_B A 2  ? B 19 ? 19 1 
1 A DG 3  1_555 B DC 8  1_555 0.400  -0.064 -0.261 -11.098 -18.635 1.522  3  A_DG3:DC18_B A 3  ? B 18 ? 19 1 
1 A DT 4  1_555 B DA 7  1_555 -1.027 -0.255 0.093  8.210   -8.942  -0.811 4  A_DT4:DA17_B A 4  ? B 17 ? 20 1 
1 A DA 5  1_555 B DT 6  1_555 -0.636 -0.120 -0.028 2.196   -14.551 4.726  5  A_DA5:DT16_B A 5  ? B 16 ? 20 1 
1 A DT 6  1_555 B DA 5  1_555 -0.829 -0.079 0.135  6.429   -20.938 9.304  6  A_DT6:DA15_B A 6  ? B 15 ? 20 1 
1 A DA 7  1_555 B DT 4  1_555 -0.075 -0.147 0.430  13.022  -20.614 1.808  7  A_DA7:DT14_B A 7  ? B 14 ? 20 1 
1 A DC 8  1_555 B G  3  1_555 -0.090 -0.141 -0.409 17.950  -14.354 0.066  8  A_DC8:G13_B  A 8  ? B 13 ? 19 1 
1 A DG 9  1_555 B C  2  1_555 -1.252 -0.706 -0.377 -5.048  -14.834 -2.469 9  A_DG9:C12_B  A 9  ? B 12 ? 19 1 
1 A DC 10 1_555 B G  1  1_555 -0.945 -0.208 -0.231 -3.966  10.135  -1.214 10 A_DC10:G11_B A 10 ? B 11 ? 19 1 
# 
loop_
_ndb_struct_na_base_pair_step.model_number 
_ndb_struct_na_base_pair_step.i_label_asym_id_1 
_ndb_struct_na_base_pair_step.i_label_comp_id_1 
_ndb_struct_na_base_pair_step.i_label_seq_id_1 
_ndb_struct_na_base_pair_step.i_symmetry_1 
_ndb_struct_na_base_pair_step.j_label_asym_id_1 
_ndb_struct_na_base_pair_step.j_label_comp_id_1 
_ndb_struct_na_base_pair_step.j_label_seq_id_1 
_ndb_struct_na_base_pair_step.j_symmetry_1 
_ndb_struct_na_base_pair_step.i_label_asym_id_2 
_ndb_struct_na_base_pair_step.i_label_comp_id_2 
_ndb_struct_na_base_pair_step.i_label_seq_id_2 
_ndb_struct_na_base_pair_step.i_symmetry_2 
_ndb_struct_na_base_pair_step.j_label_asym_id_2 
_ndb_struct_na_base_pair_step.j_label_comp_id_2 
_ndb_struct_na_base_pair_step.j_label_seq_id_2 
_ndb_struct_na_base_pair_step.j_symmetry_2 
_ndb_struct_na_base_pair_step.shift 
_ndb_struct_na_base_pair_step.slide 
_ndb_struct_na_base_pair_step.rise 
_ndb_struct_na_base_pair_step.tilt 
_ndb_struct_na_base_pair_step.roll 
_ndb_struct_na_base_pair_step.twist 
_ndb_struct_na_base_pair_step.x_displacement 
_ndb_struct_na_base_pair_step.y_displacement 
_ndb_struct_na_base_pair_step.helical_rise 
_ndb_struct_na_base_pair_step.inclination 
_ndb_struct_na_base_pair_step.tip 
_ndb_struct_na_base_pair_step.helical_twist 
_ndb_struct_na_base_pair_step.step_number 
_ndb_struct_na_base_pair_step.step_name 
_ndb_struct_na_base_pair_step.i_auth_asym_id_1 
_ndb_struct_na_base_pair_step.i_auth_seq_id_1 
_ndb_struct_na_base_pair_step.i_PDB_ins_code_1 
_ndb_struct_na_base_pair_step.j_auth_asym_id_1 
_ndb_struct_na_base_pair_step.j_auth_seq_id_1 
_ndb_struct_na_base_pair_step.j_PDB_ins_code_1 
_ndb_struct_na_base_pair_step.i_auth_asym_id_2 
_ndb_struct_na_base_pair_step.i_auth_seq_id_2 
_ndb_struct_na_base_pair_step.i_PDB_ins_code_2 
_ndb_struct_na_base_pair_step.j_auth_asym_id_2 
_ndb_struct_na_base_pair_step.j_auth_seq_id_2 
_ndb_struct_na_base_pair_step.j_PDB_ins_code_2 
1 A DG 1 1_555 B DC 10 1_555 A DG 2  1_555 B DC 9 1_555 0.626  -2.277 3.486 3.531  5.792  38.766 -4.088 -0.500 3.170 8.645  -5.271 
39.332 1 AA_DG1DG2:DC19DC20_BB A 1 ? B 20 ? A 2  ? B 19 ? 
1 A DG 2 1_555 B DC 9  1_555 A DG 3  1_555 B DC 8 1_555 -0.549 -1.601 3.298 3.104  7.416  34.055 -3.729 1.360  2.838 12.448 -5.211 
34.964 2 AA_DG2DG3:DC18DC19_BB A 2 ? B 19 ? A 3  ? B 18 ? 
1 A DG 3 1_555 B DC 8  1_555 A DT 4  1_555 B DA 7 1_555 -0.374 -1.298 2.892 -3.315 2.634  21.265 -4.358 -0.149 2.738 7.049  8.871  
21.678 3 AA_DG3DT4:DA17DC18_BB A 3 ? B 18 ? A 4  ? B 17 ? 
1 A DT 4 1_555 B DA 7  1_555 A DA 5  1_555 B DT 6 1_555 0.443  -1.216 3.234 0.967  22.612 30.032 -4.505 -0.578 1.904 37.647 -1.610 
37.448 4 AA_DT4DA5:DT16DA17_BB A 4 ? B 17 ? A 5  ? B 16 ? 
1 A DA 5 1_555 B DT 6  1_555 A DT 6  1_555 B DA 5 1_555 0.488  -1.079 3.339 0.274  6.614  28.670 -3.523 -0.904 3.024 13.137 -0.544 
29.409 5 AA_DA5DT6:DA15DT16_BB A 5 ? B 16 ? A 6  ? B 15 ? 
1 A DT 6 1_555 B DA 5  1_555 A DA 7  1_555 B DT 4 1_555 -0.105 -1.243 2.896 -4.595 15.798 33.659 -3.630 -0.327 2.120 25.479 7.412  
37.360 6 AA_DT6DA7:DT14DA15_BB A 6 ? B 15 ? A 7  ? B 14 ? 
1 A DA 7 1_555 B DT 4  1_555 A DC 8  1_555 B G  3 1_555 -0.365 -1.644 3.360 3.383  2.826  28.326 -3.957 1.499  3.121 5.730  -6.860 
28.660 7 AA_DA7DC8:G13DT14_BB  A 7 ? B 14 ? A 8  ? B 13 ? 
1 A DC 8 1_555 B G  3  1_555 A DG 9  1_555 B C  2 1_555 -0.089 -1.215 3.706 1.203  14.667 28.672 -4.949 0.387  2.768 27.452 -2.251 
32.157 8 AA_DC8DG9:C12G13_BB   A 8 ? B 13 ? A 9  ? B 12 ? 
1 A DG 9 1_555 B C  2  1_555 A DC 10 1_555 B G  1 1_555 0.704  -1.354 3.778 -0.820 1.315  33.098 -2.628 -1.393 3.704 2.307  1.439  
33.133 9 AA_DG9DC10:G11C12_BB  A 9 ? B 12 ? A 10 ? B 11 ? 
# 
_atom_sites.entry_id                    1OFX 
_atom_sites.Cartn_transform_axes        ? 
_atom_sites.fract_transf_matrix[1][1]   -0.01257552 
_atom_sites.fract_transf_matrix[1][2]   0.03958820 
_atom_sites.fract_transf_matrix[1][3]   -0.00253752 
_atom_sites.fract_transf_matrix[2][1]   0.02158653 
_atom_sites.fract_transf_matrix[2][2]   0.00704655 
_atom_sites.fract_transf_matrix[2][3]   0.00295498 
_atom_sites.fract_transf_matrix[3][1]   0.00289117 
_atom_sites.fract_transf_matrix[3][2]   -0.00037765 
_atom_sites.fract_transf_matrix[3][3]   -0.02021986 
_atom_sites.fract_transf_vector[1]      0.369245 
_atom_sites.fract_transf_vector[2]      0.454482 
_atom_sites.fract_transf_vector[3]      0.276569 
# 
loop_
_atom_type.symbol 
C 
N 
O 
P 
# 
loop_
_atom_site.group_PDB 
_atom_site.id 
_atom_site.type_symbol 
_atom_site.label_atom_id 
_atom_site.label_alt_id 
_atom_site.label_comp_id 
_atom_site.label_asym_id 
_atom_site.label_entity_id 
_atom_site.label_seq_id 
_atom_site.pdbx_PDB_ins_code 
_atom_site.Cartn_x 
_atom_site.Cartn_y 
_atom_site.Cartn_z 
_atom_site.occupancy 
_atom_site.B_iso_or_equiv 
_atom_site.pdbx_formal_charge 
_atom_site.auth_seq_id 
_atom_site.auth_comp_id 
_atom_site.auth_asym_id 
_atom_site.auth_atom_id 
_atom_site.pdbx_PDB_model_num 
ATOM   1   O "O5'" . DG  A 1 1  ? 6.140   10.416  -3.536  1.00 17.64 ? 1   DG  A "O5'" 1 
ATOM   2   C "C5'" . DG  A 1 1  ? 6.481   10.236  -2.192  1.00 17.80 ? 1   DG  A "C5'" 1 
ATOM   3   C "C4'" . DG  A 1 1  ? 7.978   10.449  -1.950  1.00 17.83 ? 1   DG  A "C4'" 1 
ATOM   4   O "O4'" . DG  A 1 1  ? 8.271   11.703  -1.331  1.00 17.58 ? 1   DG  A "O4'" 1 
ATOM   5   C "C3'" . DG  A 1 1  ? 8.551   9.351   -0.978  1.00 17.94 ? 1   DG  A "C3'" 1 
ATOM   6   O "O3'" . DG  A 1 1  ? 9.053   8.316   -1.794  1.00 18.66 ? 1   DG  A "O3'" 1 
ATOM   7   C "C2'" . DG  A 1 1  ? 9.483   10.123  -0.089  1.00 17.73 ? 1   DG  A "C2'" 1 
ATOM   8   C "C1'" . DG  A 1 1  ? 8.661   11.494  0.067   1.00 17.28 ? 1   DG  A "C1'" 1 
ATOM   9   N N9    . DG  A 1 1  ? 7.543   11.406  0.932   1.00 16.93 ? 1   DG  A N9    1 
ATOM   10  C C8    . DG  A 1 1  ? 6.259   11.705  0.643   1.00 16.64 ? 1   DG  A C8    1 
ATOM   11  N N7    . DG  A 1 1  ? 5.412   11.528  1.645   1.00 16.26 ? 1   DG  A N7    1 
ATOM   12  C C5    . DG  A 1 1  ? 6.217   11.099  2.650   1.00 16.20 ? 1   DG  A C5    1 
ATOM   13  C C6    . DG  A 1 1  ? 5.927   10.735  4.000   1.00 16.00 ? 1   DG  A C6    1 
ATOM   14  O O6    . DG  A 1 1  ? 4.775   10.785  4.475   1.00 15.46 ? 1   DG  A O6    1 
ATOM   15  N N1    . DG  A 1 1  ? 6.946   10.336  4.762   1.00 15.94 ? 1   DG  A N1    1 
ATOM   16  C C2    . DG  A 1 1  ? 8.185   10.300  4.250   1.00 15.83 ? 1   DG  A C2    1 
ATOM   17  N N2    . DG  A 1 1  ? 9.168   9.947   4.900   1.00 15.78 ? 1   DG  A N2    1 
ATOM   18  N N3    . DG  A 1 1  ? 8.584   10.625  3.018   1.00 16.45 ? 1   DG  A N3    1 
ATOM   19  C C4    . DG  A 1 1  ? 7.525   11.017  2.273   1.00 16.42 ? 1   DG  A C4    1 
ATOM   20  P P     . DG  A 1 2  ? 8.375   6.858   -1.748  1.00 18.93 ? 2   DG  A P     1 
ATOM   21  O OP1   . DG  A 1 2  ? 9.170   6.019   -2.553  1.00 18.87 ? 2   DG  A OP1   1 
ATOM   22  O OP2   . DG  A 1 2  ? 6.949   7.116   -1.967  1.00 18.89 ? 2   DG  A OP2   1 
ATOM   23  O "O5'" . DG  A 1 2  ? 8.775   6.194   -0.292  1.00 18.38 ? 2   DG  A "O5'" 1 
ATOM   24  C "C5'" . DG  A 1 2  ? 10.056  6.761   0.157   1.00 17.40 ? 2   DG  A "C5'" 1 
ATOM   25  C "C4'" . DG  A 1 2  ? 10.251  6.381   1.597   1.00 16.64 ? 2   DG  A "C4'" 1 
ATOM   26  O "O4'" . DG  A 1 2  ? 9.773   7.442   2.445   1.00 16.25 ? 2   DG  A "O4'" 1 
ATOM   27  C "C3'" . DG  A 1 2  ? 9.361   5.153   2.069   1.00 16.44 ? 2   DG  A "C3'" 1 
ATOM   28  O "O3'" . DG  A 1 2  ? 9.763   3.971   1.529   1.00 16.13 ? 2   DG  A "O3'" 1 
ATOM   29  C "C2'" . DG  A 1 2  ? 9.431   5.371   3.563   1.00 16.25 ? 2   DG  A "C2'" 1 
ATOM   30  C "C1'" . DG  A 1 2  ? 9.077   6.893   3.599   1.00 16.05 ? 2   DG  A "C1'" 1 
ATOM   31  N N9    . DG  A 1 2  ? 7.687   7.147   3.577   1.00 16.04 ? 2   DG  A N9    1 
ATOM   32  C C8    . DG  A 1 2  ? 6.953   7.582   2.538   1.00 15.86 ? 2   DG  A C8    1 
ATOM   33  N N7    . DG  A 1 2  ? 5.669   7.758   2.805   1.00 15.70 ? 2   DG  A N7    1 
ATOM   34  C C5    . DG  A 1 2  ? 5.590   7.425   4.126   1.00 15.79 ? 2   DG  A C5    1 
ATOM   35  C C6    . DG  A 1 2  ? 4.480   7.411   5.021   1.00 15.75 ? 2   DG  A C6    1 
ATOM   36  O O6    . DG  A 1 2  ? 3.314   7.744   4.695   1.00 15.81 ? 2   DG  A O6    1 
ATOM   37  N N1    . DG  A 1 2  ? 4.701   7.045   6.289   1.00 15.82 ? 2   DG  A N1    1 
ATOM   38  C C2    . DG  A 1 2  ? 5.950   6.686   6.654   1.00 15.69 ? 2   DG  A C2    1 
ATOM   39  N N2    . DG  A 1 2  ? 6.184   6.335   7.807   1.00 15.31 ? 2   DG  A N2    1 
ATOM   40  N N3    . DG  A 1 2  ? 7.060   6.650   5.904   1.00 15.76 ? 2   DG  A N3    1 
ATOM   41  C C4    . DG  A 1 2  ? 6.792   7.046   4.647   1.00 15.70 ? 2   DG  A C4    1 
ATOM   42  P P     . DG  A 1 3  ? 9.516   2.494   2.047   1.00 16.14 ? 3   DG  A P     1 
ATOM   43  O OP1   . DG  A 1 3  ? 10.825  1.926   2.058   1.00 16.05 ? 3   DG  A OP1   1 
ATOM   44  O OP2   . DG  A 1 3  ? 8.432   1.933   1.222   1.00 15.86 ? 3   DG  A OP2   1 
ATOM   45  O "O5'" . DG  A 1 3  ? 9.168   2.447   3.639   1.00 15.87 ? 3   DG  A "O5'" 1 
ATOM   46  C "C5'" . DG  A 1 3  ? 10.069  2.079   4.620   1.00 15.28 ? 3   DG  A "C5'" 1 
ATOM   47  C "C4'" . DG  A 1 3  ? 9.306   1.806   5.915   1.00 14.74 ? 3   DG  A "C4'" 1 
ATOM   48  O "O4'" . DG  A 1 3  ? 8.559   2.983   6.203   1.00 14.46 ? 3   DG  A "O4'" 1 
ATOM   49  C "C3'" . DG  A 1 3  ? 8.151   0.760   5.851   1.00 14.84 ? 3   DG  A "C3'" 1 
ATOM   50  O "O3'" . DG  A 1 3  ? 8.564   -0.528  5.660   1.00 15.48 ? 3   DG  A "O3'" 1 
ATOM   51  C "C2'" . DG  A 1 3  ? 7.456   1.052   7.192   1.00 14.47 ? 3   DG  A "C2'" 1 
ATOM   52  C "C1'" . DG  A 1 3  ? 7.379   2.599   7.038   1.00 13.95 ? 3   DG  A "C1'" 1 
ATOM   53  N N9    . DG  A 1 3  ? 6.256   3.051   6.339   1.00 13.39 ? 3   DG  A N9    1 
ATOM   54  C C8    . DG  A 1 3  ? 6.247   3.327   5.021   1.00 13.34 ? 3   DG  A C8    1 
ATOM   55  N N7    . DG  A 1 3  ? 5.078   3.767   4.573   1.00 13.35 ? 3   DG  A N7    1 
ATOM   56  C C5    . DG  A 1 3  ? 4.305   3.778   5.693   1.00 13.14 ? 3   DG  A C5    1 
ATOM   57  C C6    . DG  A 1 3  ? 2.940   4.145   5.877   1.00 13.08 ? 3   DG  A C6    1 
ATOM   58  O O6    . DG  A 1 3  ? 2.183   4.544   4.966   1.00 12.80 ? 3   DG  A O6    1 
ATOM   59  N N1    . DG  A 1 3  ? 2.444   4.045   7.111   1.00 13.21 ? 3   DG  A N1    1 
ATOM   60  C C2    . DG  A 1 3  ? 3.247   3.592   8.099   1.00 13.17 ? 3   DG  A C2    1 
ATOM   61  N N2    . DG  A 1 3  ? 2.794   3.493   9.244   1.00 13.32 ? 3   DG  A N2    1 
ATOM   62  N N3    . DG  A 1 3  ? 4.528   3.209   8.057   1.00 13.15 ? 3   DG  A N3    1 
ATOM   63  C C4    . DG  A 1 3  ? 4.987   3.343   6.796   1.00 13.17 ? 3   DG  A C4    1 
ATOM   64  P P     . DT  A 1 4  ? 7.628   -1.797  5.499   1.00 15.78 ? 4   DT  A P     1 
ATOM   65  O OP1   . DT  A 1 4  ? 8.542   -2.946  5.487   1.00 15.94 ? 4   DT  A OP1   1 
ATOM   66  O OP2   . DT  A 1 4  ? 6.780   -1.508  4.405   1.00 15.99 ? 4   DT  A OP2   1 
ATOM   67  O "O5'" . DT  A 1 4  ? 6.456   -1.830  6.644   1.00 15.95 ? 4   DT  A "O5'" 1 
ATOM   68  C "C5'" . DT  A 1 4  ? 6.951   -2.304  7.877   1.00 15.96 ? 4   DT  A "C5'" 1 
ATOM   69  C "C4'" . DT  A 1 4  ? 5.770   -2.379  8.785   1.00 16.06 ? 4   DT  A "C4'" 1 
ATOM   70  O "O4'" . DT  A 1 4  ? 5.185   -1.085  9.019   1.00 16.22 ? 4   DT  A "O4'" 1 
ATOM   71  C "C3'" . DT  A 1 4  ? 4.523   -3.143  8.189   1.00 16.20 ? 4   DT  A "C3'" 1 
ATOM   72  O "O3'" . DT  A 1 4  ? 4.848   -4.434  8.065   1.00 16.48 ? 4   DT  A "O3'" 1 
ATOM   73  C "C2'" . DT  A 1 4  ? 3.493   -2.770  9.269   1.00 16.23 ? 4   DT  A "C2'" 1 
ATOM   74  C "C1'" . DT  A 1 4  ? 3.748   -1.225  9.162   1.00 15.92 ? 4   DT  A "C1'" 1 
ATOM   75  N N1    . DT  A 1 4  ? 3.141   -0.554  7.954   1.00 15.73 ? 4   DT  A N1    1 
ATOM   76  C C2    . DT  A 1 4  ? 1.911   0.006   8.174   1.00 15.59 ? 4   DT  A C2    1 
ATOM   77  O O2    . DT  A 1 4  ? 1.295   -0.048  9.230   1.00 15.58 ? 4   DT  A O2    1 
ATOM   78  N N3    . DT  A 1 4  ? 1.351   0.649   7.102   1.00 15.62 ? 4   DT  A N3    1 
ATOM   79  C C4    . DT  A 1 4  ? 1.926   0.774   5.843   1.00 15.52 ? 4   DT  A C4    1 
ATOM   80  O O4    . DT  A 1 4  ? 1.284   1.390   4.956   1.00 15.24 ? 4   DT  A O4    1 
ATOM   81  C C5    . DT  A 1 4  ? 3.197   0.176   5.675   1.00 15.64 ? 4   DT  A C5    1 
ATOM   82  C C7    . DT  A 1 4  ? 3.921   0.254   4.356   1.00 15.79 ? 4   DT  A C7    1 
ATOM   83  C C6    . DT  A 1 4  ? 3.751   -0.446  6.720   1.00 15.60 ? 4   DT  A C6    1 
ATOM   84  P P     . DA  A 1 5  ? 4.260   -5.402  7.006   1.00 16.43 ? 5   DA  A P     1 
ATOM   85  O OP1   . DA  A 1 5  ? 4.924   -6.645  7.229   1.00 16.87 ? 5   DA  A OP1   1 
ATOM   86  O OP2   . DA  A 1 5  ? 4.352   -4.758  5.672   1.00 16.61 ? 5   DA  A OP2   1 
ATOM   87  O "O5'" . DA  A 1 5  ? 2.733   -5.845  7.403   1.00 16.04 ? 5   DA  A "O5'" 1 
ATOM   88  C "C5'" . DA  A 1 5  ? 2.368   -5.677  8.784   1.00 14.65 ? 5   DA  A "C5'" 1 
ATOM   89  C "C4'" . DA  A 1 5  ? 0.825   -5.616  8.909   1.00 13.38 ? 5   DA  A "C4'" 1 
ATOM   90  O "O4'" . DA  A 1 5  ? 0.483   -4.186  8.899   1.00 12.61 ? 5   DA  A "O4'" 1 
ATOM   91  C "C3'" . DA  A 1 5  ? -0.034  -6.213  7.786   1.00 13.01 ? 5   DA  A "C3'" 1 
ATOM   92  O "O3'" . DA  A 1 5  ? -0.372  -7.574  7.899   1.00 13.08 ? 5   DA  A "O3'" 1 
ATOM   93  C "C2'" . DA  A 1 5  ? -1.266  -5.329  7.778   1.00 12.55 ? 5   DA  A "C2'" 1 
ATOM   94  C "C1'" . DA  A 1 5  ? -0.696  -3.926  8.136   1.00 11.71 ? 5   DA  A "C1'" 1 
ATOM   95  N N9    . DA  A 1 5  ? -0.452  -3.126  6.990   1.00 11.20 ? 5   DA  A N9    1 
ATOM   96  C C8    . DA  A 1 5  ? 0.656   -2.991  6.267   1.00 10.78 ? 5   DA  A C8    1 
ATOM   97  N N7    . DA  A 1 5  ? 0.571   -2.121  5.277   1.00 10.71 ? 5   DA  A N7    1 
ATOM   98  C C5    . DA  A 1 5  ? -0.715  -1.657  5.382   1.00 10.71 ? 5   DA  A C5    1 
ATOM   99  C C6    . DA  A 1 5  ? -1.447  -0.719  4.605   1.00 10.61 ? 5   DA  A C6    1 
ATOM   100 N N6    . DA  A 1 5  ? -0.926  -0.028  3.553   1.00 10.69 ? 5   DA  A N6    1 
ATOM   101 N N1    . DA  A 1 5  ? -2.715  -0.476  4.942   1.00 10.66 ? 5   DA  A N1    1 
ATOM   102 C C2    . DA  A 1 5  ? -3.243  -1.117  5.994   1.00 10.73 ? 5   DA  A C2    1 
ATOM   103 N N3    . DA  A 1 5  ? -2.674  -2.023  6.802   1.00 11.02 ? 5   DA  A N3    1 
ATOM   104 C C4    . DA  A 1 5  ? -1.381  -2.235  6.418   1.00 11.01 ? 5   DA  A C4    1 
ATOM   105 P P     . DT  A 1 6  ? -0.966  -8.349  6.614   1.00 13.05 ? 6   DT  A P     1 
ATOM   106 O OP1   . DT  A 1 6  ? -1.487  -9.572  7.128   1.00 13.07 ? 6   DT  A OP1   1 
ATOM   107 O OP2   . DT  A 1 6  ? 0.107   -8.333  5.629   1.00 12.78 ? 6   DT  A OP2   1 
ATOM   108 O "O5'" . DT  A 1 6  ? -2.368  -7.677  6.144   1.00 13.03 ? 6   DT  A "O5'" 1 
ATOM   109 C "C5'" . DT  A 1 6  ? -3.419  -7.810  7.128   1.00 12.71 ? 6   DT  A "C5'" 1 
ATOM   110 C "C4'" . DT  A 1 6  ? -4.659  -7.226  6.408   1.00 12.43 ? 6   DT  A "C4'" 1 
ATOM   111 O "O4'" . DT  A 1 6  ? -4.395  -5.805  6.308   1.00 12.34 ? 6   DT  A "O4'" 1 
ATOM   112 C "C3'" . DT  A 1 6  ? -4.837  -7.709  4.947   1.00 12.10 ? 6   DT  A "C3'" 1 
ATOM   113 O "O3'" . DT  A 1 6  ? -5.560  -8.915  4.876   1.00 11.81 ? 6   DT  A "O3'" 1 
ATOM   114 C "C2'" . DT  A 1 6  ? -5.523  -6.519  4.281   1.00 12.16 ? 6   DT  A "C2'" 1 
ATOM   115 C "C1'" . DT  A 1 6  ? -4.850  -5.325  5.057   1.00 12.07 ? 6   DT  A "C1'" 1 
ATOM   116 N N1    . DT  A 1 6  ? -3.778  -4.771  4.160   1.00 11.81 ? 6   DT  A N1    1 
ATOM   117 C C2    . DT  A 1 6  ? -4.197  -3.731  3.380   1.00 11.74 ? 6   DT  A C2    1 
ATOM   118 O O2    . DT  A 1 6  ? -5.327  -3.263  3.420   1.00 11.84 ? 6   DT  A O2    1 
ATOM   119 N N3    . DT  A 1 6  ? -3.265  -3.190  2.524   1.00 11.65 ? 6   DT  A N3    1 
ATOM   120 C C4    . DT  A 1 6  ? -1.965  -3.642  2.368   1.00 11.63 ? 6   DT  A C4    1 
ATOM   121 O O4    . DT  A 1 6  ? -1.239  -3.045  1.521   1.00 11.48 ? 6   DT  A O4    1 
ATOM   122 C C5    . DT  A 1 6  ? -1.593  -4.738  3.187   1.00 11.89 ? 6   DT  A C5    1 
ATOM   123 C C7    . DT  A 1 6  ? -0.206  -5.328  3.181   1.00 11.83 ? 6   DT  A C7    1 
ATOM   124 C C6    . DT  A 1 6  ? -2.497  -5.258  4.036   1.00 11.74 ? 6   DT  A C6    1 
ATOM   125 P P     . DA  A 1 7  ? -5.467  -9.872  3.628   1.00 12.09 ? 7   DA  A P     1 
ATOM   126 O OP1   . DA  A 1 7  ? -6.142  -11.075 3.964   1.00 11.94 ? 7   DA  A OP1   1 
ATOM   127 O OP2   . DA  A 1 7  ? -4.061  -9.876  3.209   1.00 12.08 ? 7   DA  A OP2   1 
ATOM   128 O "O5'" . DA  A 1 7  ? -6.447  -9.382  2.418   1.00 11.74 ? 7   DA  A "O5'" 1 
ATOM   129 C "C5'" . DA  A 1 7  ? -7.558  -8.634  2.749   1.00 11.85 ? 7   DA  A "C5'" 1 
ATOM   130 C "C4'" . DA  A 1 7  ? -7.900  -7.821  1.500   1.00 12.46 ? 7   DA  A "C4'" 1 
ATOM   131 O "O4'" . DA  A 1 7  ? -7.240  -6.530  1.646   1.00 12.06 ? 7   DA  A "O4'" 1 
ATOM   132 C "C3'" . DA  A 1 7  ? -7.381  -8.381  0.140   1.00 12.74 ? 7   DA  A "C3'" 1 
ATOM   133 O "O3'" . DA  A 1 7  ? -8.245  -9.319  -0.488  1.00 13.59 ? 7   DA  A "O3'" 1 
ATOM   134 C "C2'" . DA  A 1 7  ? -7.260  -7.140  -0.706  1.00 12.65 ? 7   DA  A "C2'" 1 
ATOM   135 C "C1'" . DA  A 1 7  ? -6.959  -6.020  0.351   1.00 12.25 ? 7   DA  A "C1'" 1 
ATOM   136 N N9    . DA  A 1 7  ? -5.618  -5.668  0.124   1.00 11.89 ? 7   DA  A N9    1 
ATOM   137 C C8    . DA  A 1 7  ? -4.519  -6.247  0.577   1.00 12.26 ? 7   DA  A C8    1 
ATOM   138 N N7    . DA  A 1 7  ? -3.378  -5.674  0.180   1.00 12.35 ? 7   DA  A N7    1 
ATOM   139 C C5    . DA  A 1 7  ? -3.825  -4.665  -0.617  1.00 12.30 ? 7   DA  A C5    1 
ATOM   140 C C6    . DA  A 1 7  ? -3.124  -3.668  -1.354  1.00 12.37 ? 7   DA  A C6    1 
ATOM   141 N N6    . DA  A 1 7  ? -1.771  -3.557  -1.392  1.00 12.46 ? 7   DA  A N6    1 
ATOM   142 N N1    . DA  A 1 7  ? -3.863  -2.782  -2.035  1.00 12.42 ? 7   DA  A N1    1 
ATOM   143 C C2    . DA  A 1 7  ? -5.203  -2.864  -2.018  1.00 12.24 ? 7   DA  A C2    1 
ATOM   144 N N3    . DA  A 1 7  ? -5.970  -3.743  -1.372  1.00 12.45 ? 7   DA  A N3    1 
ATOM   145 C C4    . DA  A 1 7  ? -5.192  -4.623  -0.682  1.00 12.29 ? 7   DA  A C4    1 
ATOM   146 P P     . DC  A 1 8  ? -7.732  -9.985  -1.849  1.00 14.29 ? 8   DC  A P     1 
ATOM   147 O OP1   . DC  A 1 8  ? -8.675  -10.927 -2.243  1.00 14.16 ? 8   DC  A OP1   1 
ATOM   148 O OP2   . DC  A 1 8  ? -6.318  -10.371 -1.598  1.00 14.06 ? 8   DC  A OP2   1 
ATOM   149 O "O5'" . DC  A 1 8  ? -7.874  -8.888  -3.048  1.00 14.28 ? 8   DC  A "O5'" 1 
ATOM   150 C "C5'" . DC  A 1 8  ? -9.220  -8.539  -3.397  1.00 14.05 ? 8   DC  A "C5'" 1 
ATOM   151 C "C4'" . DC  A 1 8  ? -8.985  -7.610  -4.623  1.00 13.82 ? 8   DC  A "C4'" 1 
ATOM   152 O "O4'" . DC  A 1 8  ? -7.986  -6.663  -4.107  1.00 13.67 ? 8   DC  A "O4'" 1 
ATOM   153 C "C3'" . DC  A 1 8  ? -8.231  -8.176  -5.831  1.00 13.89 ? 8   DC  A "C3'" 1 
ATOM   154 O "O3'" . DC  A 1 8  ? -8.981  -8.946  -6.724  1.00 14.00 ? 8   DC  A "O3'" 1 
ATOM   155 C "C2'" . DC  A 1 8  ? -7.659  -6.875  -6.429  1.00 13.76 ? 8   DC  A "C2'" 1 
ATOM   156 C "C1'" . DC  A 1 8  ? -7.280  -6.042  -5.189  1.00 13.48 ? 8   DC  A "C1'" 1 
ATOM   157 N N1    . DC  A 1 8  ? -5.839  -6.000  -4.790  1.00 13.61 ? 8   DC  A N1    1 
ATOM   158 C C2    . DC  A 1 8  ? -5.098  -4.941  -5.249  1.00 13.67 ? 8   DC  A C2    1 
ATOM   159 O O2    . DC  A 1 8  ? -5.523  -4.053  -5.971  1.00 13.64 ? 8   DC  A O2    1 
ATOM   160 N N3    . DC  A 1 8  ? -3.768  -4.906  -4.878  1.00 13.51 ? 8   DC  A N3    1 
ATOM   161 C C4    . DC  A 1 8  ? -3.156  -5.841  -4.065  1.00 13.44 ? 8   DC  A C4    1 
ATOM   162 N N4    . DC  A 1 8  ? -1.836  -5.668  -3.784  1.00 13.51 ? 8   DC  A N4    1 
ATOM   163 C C5    . DC  A 1 8  ? -3.951  -6.917  -3.603  1.00 13.44 ? 8   DC  A C5    1 
ATOM   164 C C6    . DC  A 1 8  ? -5.234  -6.951  -3.978  1.00 13.63 ? 8   DC  A C6    1 
ATOM   165 P P     . DG  A 1 9  ? -8.338  -9.771  -7.939  1.00 14.08 ? 9   DG  A P     1 
ATOM   166 O OP1   . DG  A 1 9  ? -9.408  -10.273 -8.674  1.00 13.96 ? 9   DG  A OP1   1 
ATOM   167 O OP2   . DG  A 1 9  ? -7.387  -10.684 -7.270  1.00 14.12 ? 9   DG  A OP2   1 
ATOM   168 O "O5'" . DG  A 1 9  ? -7.635  -8.806  -9.029  1.00 14.22 ? 9   DG  A "O5'" 1 
ATOM   169 C "C5'" . DG  A 1 9  ? -8.187  -8.260  -10.145 1.00 14.09 ? 9   DG  A "C5'" 1 
ATOM   170 C "C4'" . DG  A 1 9  ? -7.202  -7.248  -10.717 1.00 14.27 ? 9   DG  A "C4'" 1 
ATOM   171 O "O4'" . DG  A 1 9  ? -6.582  -6.520  -9.628  1.00 14.22 ? 9   DG  A "O4'" 1 
ATOM   172 C "C3'" . DG  A 1 9  ? -5.919  -7.792  -11.429 1.00 14.69 ? 9   DG  A "C3'" 1 
ATOM   173 O "O3'" . DG  A 1 9  ? -6.222  -8.380  -12.621 1.00 15.74 ? 9   DG  A "O3'" 1 
ATOM   174 C "C2'" . DG  A 1 9  ? -5.082  -6.536  -11.539 1.00 14.46 ? 9   DG  A "C2'" 1 
ATOM   175 C "C1'" . DG  A 1 9  ? -5.308  -5.949  -10.103 1.00 14.41 ? 9   DG  A "C1'" 1 
ATOM   176 N N9    . DG  A 1 9  ? -4.217  -6.241  -9.255  1.00 14.21 ? 9   DG  A N9    1 
ATOM   177 C C8    . DG  A 1 9  ? -4.225  -7.078  -8.207  1.00 14.41 ? 9   DG  A C8    1 
ATOM   178 N N7    . DG  A 1 9  ? -3.078  -7.148  -7.541  1.00 14.39 ? 9   DG  A N7    1 
ATOM   179 C C5    . DG  A 1 9  ? -2.294  -6.271  -8.232  1.00 14.48 ? 9   DG  A C5    1 
ATOM   180 C C6    . DG  A 1 9  ? -0.930  -5.889  -8.034  1.00 14.52 ? 9   DG  A C6    1 
ATOM   181 O O6    . DG  A 1 9  ? -0.200  -6.337  -7.104  1.00 14.55 ? 9   DG  A O6    1 
ATOM   182 N N1    . DG  A 1 9  ? -0.418  -5.006  -8.897  1.00 14.49 ? 9   DG  A N1    1 
ATOM   183 C C2    . DG  A 1 9  ? -1.199  -4.526  -9.872  1.00 14.29 ? 9   DG  A C2    1 
ATOM   184 N N2    . DG  A 1 9  ? -0.753  -3.714  -10.674 1.00 14.50 ? 9   DG  A N2    1 
ATOM   185 N N3    . DG  A 1 9  ? -2.475  -4.783  -10.142 1.00 14.29 ? 9   DG  A N3    1 
ATOM   186 C C4    . DG  A 1 9  ? -2.950  -5.689  -9.271  1.00 14.19 ? 9   DG  A C4    1 
ATOM   187 P P     . DC  A 1 10 ? -5.642  -9.768  -13.121 1.00 16.55 ? 10  DC  A P     1 
ATOM   188 O OP1   . DC  A 1 10 ? -6.175  -9.955  -14.425 1.00 16.76 ? 10  DC  A OP1   1 
ATOM   189 O OP2   . DC  A 1 10 ? -5.913  -10.723 -12.035 1.00 16.74 ? 10  DC  A OP2   1 
ATOM   190 O "O5'" . DC  A 1 10 ? -4.061  -9.591  -13.531 1.00 16.43 ? 10  DC  A "O5'" 1 
ATOM   191 C "C5'" . DC  A 1 10 ? -3.908  -8.781  -14.669 1.00 15.86 ? 10  DC  A "C5'" 1 
ATOM   192 C "C4'" . DC  A 1 10 ? -2.576  -8.116  -14.907 1.00 15.27 ? 10  DC  A "C4'" 1 
ATOM   193 O "O4'" . DC  A 1 10 ? -2.230  -7.325  -13.787 1.00 15.18 ? 10  DC  A "O4'" 1 
ATOM   194 C "C3'" . DC  A 1 10 ? -1.349  -9.029  -15.200 1.00 14.96 ? 10  DC  A "C3'" 1 
ATOM   195 O "O3'" . DC  A 1 10 ? -1.314  -9.253  -16.582 1.00 14.89 ? 10  DC  A "O3'" 1 
ATOM   196 C "C2'" . DC  A 1 10 ? -0.200  -8.284  -14.653 1.00 14.89 ? 10  DC  A "C2'" 1 
ATOM   197 C "C1'" . DC  A 1 10 ? -0.844  -7.432  -13.518 1.00 15.01 ? 10  DC  A "C1'" 1 
ATOM   198 N N1    . DC  A 1 10 ? -0.589  -8.023  -12.148 1.00 14.77 ? 10  DC  A N1    1 
ATOM   199 C C2    . DC  A 1 10 ? 0.683   -7.828  -11.692 1.00 14.64 ? 10  DC  A C2    1 
ATOM   200 O O2    . DC  A 1 10 ? 1.534   -7.225  -12.314 1.00 15.01 ? 10  DC  A O2    1 
ATOM   201 N N3    . DC  A 1 10 ? 0.988   -8.330  -10.454 1.00 14.71 ? 10  DC  A N3    1 
ATOM   202 C C4    . DC  A 1 10 ? 0.095   -9.030  -9.657  1.00 14.46 ? 10  DC  A C4    1 
ATOM   203 N N4    . DC  A 1 10 ? 0.533   -9.467  -8.450  1.00 14.32 ? 10  DC  A N4    1 
ATOM   204 C C5    . DC  A 1 10 ? -1.205  -9.222  -10.177 1.00 14.64 ? 10  DC  A C5    1 
ATOM   205 C C6    . DC  A 1 10 ? -1.503  -8.708  -11.373 1.00 14.69 ? 10  DC  A C6    1 
ATOM   206 O "O5'" . G   B 2 1  ? 10.285  -9.229  -6.209  1.00 24.83 ? 11  G   B "O5'" 1 
ATOM   207 C "C5'" . G   B 2 1  ? 10.532  -7.881  -5.832  1.00 24.94 ? 11  G   B "C5'" 1 
ATOM   208 C "C4'" . G   B 2 1  ? 10.205  -6.828  -6.921  1.00 24.70 ? 11  G   B "C4'" 1 
ATOM   209 O "O4'" . G   B 2 1  ? 9.201   -7.310  -7.825  1.00 24.33 ? 11  G   B "O4'" 1 
ATOM   210 C "C3'" . G   B 2 1  ? 9.568   -5.546  -6.257  1.00 24.72 ? 11  G   B "C3'" 1 
ATOM   211 O "O3'" . G   B 2 1  ? 9.601   -4.376  -7.004  1.00 24.78 ? 11  G   B "O3'" 1 
ATOM   212 C "C2'" . G   B 2 1  ? 8.216   -6.172  -6.010  1.00 24.58 ? 11  G   B "C2'" 1 
ATOM   213 O "O2'" . G   B 2 1  ? 7.178   -5.255  -5.828  1.00 25.39 ? 11  G   B "O2'" 1 
ATOM   214 C "C1'" . G   B 2 1  ? 7.929   -6.878  -7.451  1.00 24.06 ? 11  G   B "C1'" 1 
ATOM   215 N N9    . G   B 2 1  ? 6.876   -7.767  -7.144  1.00 23.70 ? 11  G   B N9    1 
ATOM   216 C C8    . G   B 2 1  ? 6.764   -8.555  -6.063  1.00 23.72 ? 11  G   B C8    1 
ATOM   217 N N7    . G   B 2 1  ? 5.637   -9.244  -5.989  1.00 23.55 ? 11  G   B N7    1 
ATOM   218 C C5    . G   B 2 1  ? 4.963   -8.822  -7.100  1.00 23.50 ? 11  G   B C5    1 
ATOM   219 C C6    . G   B 2 1  ? 3.674   -9.181  -7.600  1.00 23.47 ? 11  G   B C6    1 
ATOM   220 O O6    . G   B 2 1  ? 2.926   -10.005 -7.009  1.00 23.51 ? 11  G   B O6    1 
ATOM   221 N N1    . G   B 2 1  ? 3.266   -8.617  -8.739  1.00 23.30 ? 11  G   B N1    1 
ATOM   222 C C2    . G   B 2 1  ? 4.073   -7.734  -9.350  1.00 23.36 ? 11  G   B C2    1 
ATOM   223 N N2    . G   B 2 1  ? 3.735   -7.171  -10.393 1.00 23.04 ? 11  G   B N2    1 
ATOM   224 N N3    . G   B 2 1  ? 5.301   -7.315  -8.986  1.00 23.51 ? 11  G   B N3    1 
ATOM   225 C C4    . G   B 2 1  ? 5.670   -7.917  -7.834  1.00 23.47 ? 11  G   B C4    1 
ATOM   226 P P     . C   B 2 2  ? 9.172   -2.942  -6.448  1.00 24.56 ? 12  C   B P     1 
ATOM   227 O OP1   . C   B 2 2  ? 10.176  -2.063  -6.908  1.00 24.82 ? 12  C   B OP1   1 
ATOM   228 O OP2   . C   B 2 2  ? 8.894   -3.139  -5.011  1.00 24.43 ? 12  C   B OP2   1 
ATOM   229 O "O5'" . C   B 2 2  ? 7.913   -2.262  -7.226  1.00 23.64 ? 12  C   B "O5'" 1 
ATOM   230 C "C5'" . C   B 2 2  ? 8.101   -1.990  -8.579  1.00 22.67 ? 12  C   B "C5'" 1 
ATOM   231 C "C4'" . C   B 2 2  ? 6.765   -1.902  -9.272  1.00 22.37 ? 12  C   B "C4'" 1 
ATOM   232 O "O4'" . C   B 2 2  ? 6.087   -3.190  -9.366  1.00 22.14 ? 12  C   B "O4'" 1 
ATOM   233 C "C3'" . C   B 2 2  ? 5.638   -1.043  -8.597  1.00 22.22 ? 12  C   B "C3'" 1 
ATOM   234 O "O3'" . C   B 2 2  ? 5.927   0.325   -8.675  1.00 21.93 ? 12  C   B "O3'" 1 
ATOM   235 C "C2'" . C   B 2 2  ? 4.484   -1.481  -9.491  1.00 22.20 ? 12  C   B "C2'" 1 
ATOM   236 O "O2'" . C   B 2 2  ? 4.845   -1.099  -10.828 1.00 22.60 ? 12  C   B "O2'" 1 
ATOM   237 C "C1'" . C   B 2 2  ? 4.627   -3.012  -9.517  1.00 21.83 ? 12  C   B "C1'" 1 
ATOM   238 N N1    . C   B 2 2  ? 3.939   -3.802  -8.458  1.00 21.48 ? 12  C   B N1    1 
ATOM   239 C C2    . C   B 2 2  ? 2.714   -4.343  -8.721  1.00 21.31 ? 12  C   B C2    1 
ATOM   240 O O2    . C   B 2 2  ? 2.088   -4.191  -9.755  1.00 21.17 ? 12  C   B O2    1 
ATOM   241 N N3    . C   B 2 2  ? 2.143   -5.082  -7.718  1.00 21.08 ? 12  C   B N3    1 
ATOM   242 C C4    . C   B 2 2  ? 2.730   -5.330  -6.499  1.00 21.24 ? 12  C   B C4    1 
ATOM   243 N N4    . C   B 2 2  ? 2.082   -6.090  -5.572  1.00 21.38 ? 12  C   B N4    1 
ATOM   244 C C5    . C   B 2 2  ? 4.019   -4.780  -6.272  1.00 21.42 ? 12  C   B C5    1 
ATOM   245 C C6    . C   B 2 2  ? 4.560   -4.044  -7.247  1.00 21.35 ? 12  C   B C6    1 
ATOM   246 P P     . G   B 2 3  ? 5.251   1.345   -7.662  1.00 21.52 ? 13  G   B P     1 
ATOM   247 O OP1   . G   B 2 3  ? 5.685   2.626   -8.062  1.00 21.27 ? 13  G   B OP1   1 
ATOM   248 O OP2   . G   B 2 3  ? 5.570   0.742   -6.354  1.00 21.54 ? 13  G   B OP2   1 
ATOM   249 O "O5'" . G   B 2 3  ? 3.644   1.516   -7.938  1.00 20.35 ? 13  G   B "O5'" 1 
ATOM   250 C "C5'" . G   B 2 3  ? 3.333   1.486   -9.306  1.00 19.26 ? 13  G   B "C5'" 1 
ATOM   251 C "C4'" . G   B 2 3  ? 1.903   1.404   -9.803  1.00 18.17 ? 13  G   B "C4'" 1 
ATOM   252 O "O4'" . G   B 2 3  ? 1.677   0.031   -10.236 1.00 17.70 ? 13  G   B "O4'" 1 
ATOM   253 C "C3'" . G   B 2 3  ? 0.698   1.719   -8.886  1.00 17.80 ? 13  G   B "C3'" 1 
ATOM   254 O "O3'" . G   B 2 3  ? 0.259   3.022   -8.959  1.00 17.16 ? 13  G   B "O3'" 1 
ATOM   255 C "C2'" . G   B 2 3  ? -0.427  0.788   -9.364  1.00 17.66 ? 13  G   B "C2'" 1 
ATOM   256 O "O2'" . G   B 2 3  ? -1.068  1.330   -10.465 1.00 17.84 ? 13  G   B "O2'" 1 
ATOM   257 C "C1'" . G   B 2 3  ? 0.429   -0.449  -9.760  1.00 17.40 ? 13  G   B "C1'" 1 
ATOM   258 N N9    . G   B 2 3  ? 0.608   -1.176  -8.560  1.00 17.17 ? 13  G   B N9    1 
ATOM   259 C C8    . G   B 2 3  ? 1.721   -1.350  -7.845  1.00 17.08 ? 13  G   B C8    1 
ATOM   260 N N7    . G   B 2 3  ? 1.565   -2.096  -6.759  1.00 17.04 ? 13  G   B N7    1 
ATOM   261 C C5    . G   B 2 3  ? 0.228   -2.394  -6.799  1.00 17.08 ? 13  G   B C5    1 
ATOM   262 C C6    . G   B 2 3  ? -0.587  -3.181  -5.929  1.00 16.99 ? 13  G   B C6    1 
ATOM   263 O O6    . G   B 2 3  ? -0.126  -3.751  -4.907  1.00 17.12 ? 13  G   B O6    1 
ATOM   264 N N1    . G   B 2 3  ? -1.879  -3.308  -6.237  1.00 16.90 ? 13  G   B N1    1 
ATOM   265 C C2    . G   B 2 3  ? -2.350  -2.698  -7.340  1.00 16.91 ? 13  G   B C2    1 
ATOM   266 N N2    . G   B 2 3  ? -3.537  -2.786  -7.658  1.00 17.07 ? 13  G   B N2    1 
ATOM   267 N N3    . G   B 2 3  ? -1.705  -1.938  -8.234  1.00 17.00 ? 13  G   B N3    1 
ATOM   268 C C4    . G   B 2 3  ? -0.407  -1.840  -7.880  1.00 17.08 ? 13  G   B C4    1 
ATOM   269 P P     . DT  B 2 4  ? 0.013   3.940   -7.725  1.00 16.97 ? 14  DT  B P     1 
ATOM   270 O OP1   . DT  B 2 4  ? -0.137  5.230   -8.320  1.00 17.70 ? 14  DT  B OP1   1 
ATOM   271 O OP2   . DT  B 2 4  ? 1.060   3.727   -6.725  1.00 16.97 ? 14  DT  B OP2   1 
ATOM   272 O "O5'" . DT  B 2 4  ? -1.502  3.839   -7.110  1.00 16.74 ? 14  DT  B "O5'" 1 
ATOM   273 C "C5'" . DT  B 2 4  ? -2.523  3.929   -8.060  1.00 15.58 ? 14  DT  B "C5'" 1 
ATOM   274 C "C4'" . DT  B 2 4  ? -3.585  2.886   -7.815  1.00 14.97 ? 14  DT  B "C4'" 1 
ATOM   275 O "O4'" . DT  B 2 4  ? -3.149  1.529   -7.750  1.00 14.28 ? 14  DT  B "O4'" 1 
ATOM   276 C "C3'" . DT  B 2 4  ? -4.221  3.071   -6.382  1.00 14.78 ? 14  DT  B "C3'" 1 
ATOM   277 O "O3'" . DT  B 2 4  ? -4.877  4.288   -6.483  1.00 15.13 ? 14  DT  B "O3'" 1 
ATOM   278 C "C2'" . DT  B 2 4  ? -4.942  1.776   -6.231  1.00 14.30 ? 14  DT  B "C2'" 1 
ATOM   279 C "C1'" . DT  B 2 4  ? -3.822  0.774   -6.774  1.00 13.62 ? 14  DT  B "C1'" 1 
ATOM   280 N N1    . DT  B 2 4  ? -2.916  0.329   -5.672  1.00 12.95 ? 14  DT  B N1    1 
ATOM   281 C C2    . DT  B 2 4  ? -3.469  -0.495  -4.738  1.00 12.86 ? 14  DT  B C2    1 
ATOM   282 O O2    . DT  B 2 4  ? -4.610  -0.918  -4.731  1.00 12.83 ? 14  DT  B O2    1 
ATOM   283 N N3    . DT  B 2 4  ? -2.649  -0.880  -3.708  1.00 12.91 ? 14  DT  B N3    1 
ATOM   284 C C4    . DT  B 2 4  ? -1.328  -0.504  -3.552  1.00 12.83 ? 14  DT  B C4    1 
ATOM   285 O O4    . DT  B 2 4  ? -0.721  -0.952  -2.551  1.00 13.10 ? 14  DT  B O4    1 
ATOM   286 C C5    . DT  B 2 4  ? -0.797  0.350   -4.539  1.00 13.01 ? 14  DT  B C5    1 
ATOM   287 C C7    . DT  B 2 4  ? 0.640   0.823   -4.491  1.00 12.88 ? 14  DT  B C7    1 
ATOM   288 C C6    . DT  B 2 4  ? -1.608  0.729   -5.543  1.00 12.98 ? 14  DT  B C6    1 
ATOM   289 P P     . DA  B 2 5  ? -4.675  5.368   -5.347  1.00 15.54 ? 15  DA  B P     1 
ATOM   290 O OP1   . DA  B 2 5  ? -5.256  6.553   -5.842  1.00 15.53 ? 15  DA  B OP1   1 
ATOM   291 O OP2   . DA  B 2 5  ? -3.252  5.320   -4.961  1.00 15.53 ? 15  DA  B OP2   1 
ATOM   292 O "O5'" . DA  B 2 5  ? -5.692  5.052   -4.081  1.00 14.84 ? 15  DA  B "O5'" 1 
ATOM   293 C "C5'" . DA  B 2 5  ? -6.829  4.331   -4.492  1.00 14.12 ? 15  DA  B "C5'" 1 
ATOM   294 C "C4'" . DA  B 2 5  ? -7.496  3.476   -3.429  1.00 13.36 ? 15  DA  B "C4'" 1 
ATOM   295 O "O4'" . DA  B 2 5  ? -6.971  2.150   -3.407  1.00 12.37 ? 15  DA  B "O4'" 1 
ATOM   296 C "C3'" . DA  B 2 5  ? -7.310  3.911   -1.949  1.00 13.63 ? 15  DA  B "C3'" 1 
ATOM   297 O "O3'" . DA  B 2 5  ? -8.279  4.851   -1.684  1.00 14.81 ? 15  DA  B "O3'" 1 
ATOM   298 C "C2'" . DA  B 2 5  ? -7.522  2.620   -1.170  1.00 12.63 ? 15  DA  B "C2'" 1 
ATOM   299 C "C1'" . DA  B 2 5  ? -6.823  1.597   -2.101  1.00 11.29 ? 15  DA  B "C1'" 1 
ATOM   300 N N9    . DA  B 2 5  ? -5.445  1.426   -1.773  1.00 10.34 ? 15  DA  B N9    1 
ATOM   301 C C8    . DA  B 2 5  ? -4.402  2.080   -2.268  1.00 9.72  ? 15  DA  B C8    1 
ATOM   302 N N7    . DA  B 2 5  ? -3.241  1.675   -1.777  1.00 9.92  ? 15  DA  B N7    1 
ATOM   303 C C5    . DA  B 2 5  ? -3.579  0.681   -0.920  1.00 9.87  ? 15  DA  B C5    1 
ATOM   304 C C6    . DA  B 2 5  ? -2.792  -0.163  -0.086  1.00 9.61  ? 15  DA  B C6    1 
ATOM   305 N N6    . DA  B 2 5  ? -1.432  -0.125  0.019   1.00 9.53  ? 15  DA  B N6    1 
ATOM   306 N N1    . DA  B 2 5  ? -3.447  -1.046  0.661   1.00 9.28  ? 15  DA  B N1    1 
ATOM   307 C C2    . DA  B 2 5  ? -4.780  -1.118  0.581   1.00 9.55  ? 15  DA  B C2    1 
ATOM   308 N N3    . DA  B 2 5  ? -5.636  -0.414  -0.156  1.00 9.70  ? 15  DA  B N3    1 
ATOM   309 C C4    . DA  B 2 5  ? -4.934  0.495   -0.880  1.00 9.86  ? 15  DA  B C4    1 
ATOM   310 P P     . DT  B 2 6  ? -8.049  5.913   -0.528  1.00 15.56 ? 16  DT  B P     1 
ATOM   311 O OP1   . DT  B 2 6  ? -9.355  6.468   -0.362  1.00 15.32 ? 16  DT  B OP1   1 
ATOM   312 O OP2   . DT  B 2 6  ? -6.886  6.677   -0.979  1.00 14.82 ? 16  DT  B OP2   1 
ATOM   313 O "O5'" . DT  B 2 6  ? -7.951  5.136   0.910   1.00 15.55 ? 16  DT  B "O5'" 1 
ATOM   314 C "C5'" . DT  B 2 6  ? -9.073  4.250   1.025   1.00 15.76 ? 16  DT  B "C5'" 1 
ATOM   315 C "C4'" . DT  B 2 6  ? -9.160  3.546   2.348   1.00 15.98 ? 16  DT  B "C4'" 1 
ATOM   316 O "O4'" . DT  B 2 6  ? -8.616  2.215   2.246   1.00 15.95 ? 16  DT  B "O4'" 1 
ATOM   317 C "C3'" . DT  B 2 6  ? -8.384  4.197   3.548   1.00 16.04 ? 16  DT  B "C3'" 1 
ATOM   318 O "O3'" . DT  B 2 6  ? -9.252  5.120   4.114   1.00 16.23 ? 16  DT  B "O3'" 1 
ATOM   319 C "C2'" . DT  B 2 6  ? -8.039  3.004   4.406   1.00 16.11 ? 16  DT  B "C2'" 1 
ATOM   320 C "C1'" . DT  B 2 6  ? -7.727  1.917   3.284   1.00 15.98 ? 16  DT  B "C1'" 1 
ATOM   321 N N1    . DT  B 2 6  ? -6.274  2.077   2.882   1.00 15.99 ? 16  DT  B N1    1 
ATOM   322 C C2    . DT  B 2 6  ? -5.391  1.236   3.497   1.00 15.82 ? 16  DT  B C2    1 
ATOM   323 O O2    . DT  B 2 6  ? -5.700  0.372   4.296   1.00 15.59 ? 16  DT  B O2    1 
ATOM   324 N N3    . DT  B 2 6  ? -4.073  1.402   3.159   1.00 15.90 ? 16  DT  B N3    1 
ATOM   325 C C4    . DT  B 2 6  ? -3.594  2.345   2.262   1.00 15.80 ? 16  DT  B C4    1 
ATOM   326 O O4    . DT  B 2 6  ? -2.349  2.370   2.052   1.00 15.95 ? 16  DT  B O4    1 
ATOM   327 C C5    . DT  B 2 6  ? -4.546  3.194   1.660   1.00 15.86 ? 16  DT  B C5    1 
ATOM   328 C C7    . DT  B 2 6  ? -4.151  4.256   0.673   1.00 15.84 ? 16  DT  B C7    1 
ATOM   329 C C6    . DT  B 2 6  ? -5.828  3.036   1.988   1.00 15.90 ? 16  DT  B C6    1 
ATOM   330 P P     . DA  B 2 7  ? -8.895  6.093   5.306   1.00 15.96 ? 17  DA  B P     1 
ATOM   331 O OP1   . DA  B 2 7  ? -10.178 6.546   5.871   1.00 15.73 ? 17  DA  B OP1   1 
ATOM   332 O OP2   . DA  B 2 7  ? -7.926  6.982   4.821   1.00 16.29 ? 17  DA  B OP2   1 
ATOM   333 O "O5'" . DA  B 2 7  ? -7.926  5.279   6.367   1.00 15.71 ? 17  DA  B "O5'" 1 
ATOM   334 C "C5'" . DA  B 2 7  ? -8.720  4.898   7.539   1.00 14.89 ? 17  DA  B "C5'" 1 
ATOM   335 C "C4'" . DA  B 2 7  ? -7.760  4.088   8.382   1.00 14.26 ? 17  DA  B "C4'" 1 
ATOM   336 O "O4'" . DA  B 2 7  ? -7.055  3.220   7.462   1.00 13.97 ? 17  DA  B "O4'" 1 
ATOM   337 C "C3'" . DA  B 2 7  ? -6.580  4.842   9.030   1.00 14.07 ? 17  DA  B "C3'" 1 
ATOM   338 O "O3'" . DA  B 2 7  ? -7.038  5.493   10.175  1.00 14.34 ? 17  DA  B "O3'" 1 
ATOM   339 C "C2'" . DA  B 2 7  ? -5.565  3.779   9.268   1.00 13.89 ? 17  DA  B "C2'" 1 
ATOM   340 C "C1'" . DA  B 2 7  ? -5.799  2.849   8.050   1.00 13.59 ? 17  DA  B "C1'" 1 
ATOM   341 N N9    . DA  B 2 7  ? -4.835  3.072   7.038   1.00 13.47 ? 17  DA  B N9    1 
ATOM   342 C C8    . DA  B 2 7  ? -5.001  3.719   5.878   1.00 13.27 ? 17  DA  B C8    1 
ATOM   343 N N7    . DA  B 2 7  ? -3.907  3.749   5.121   1.00 13.35 ? 17  DA  B N7    1 
ATOM   344 C C5    . DA  B 2 7  ? -3.000  3.049   5.867   1.00 13.18 ? 17  DA  B C5    1 
ATOM   345 C C6    . DA  B 2 7  ? -1.633  2.724   5.619   1.00 13.05 ? 17  DA  B C6    1 
ATOM   346 N N6    . DA  B 2 7  ? -0.973  3.087   4.495   1.00 12.98 ? 17  DA  B N6    1 
ATOM   347 N N1    . DA  B 2 7  ? -0.997  2.039   6.570   1.00 13.11 ? 17  DA  B N1    1 
ATOM   348 C C2    . DA  B 2 7  ? -1.641  1.688   7.703   1.00 13.01 ? 17  DA  B C2    1 
ATOM   349 N N3    . DA  B 2 7  ? -2.907  1.927   8.055   1.00 12.93 ? 17  DA  B N3    1 
ATOM   350 C C4    . DA  B 2 7  ? -3.516  2.629   7.066   1.00 13.20 ? 17  DA  B C4    1 
ATOM   351 P P     . DC  B 2 8  ? -6.483  6.952   10.448  1.00 14.20 ? 18  DC  B P     1 
ATOM   352 O OP1   . DC  B 2 8  ? -7.472  7.546   11.246  1.00 14.18 ? 18  DC  B OP1   1 
ATOM   353 O OP2   . DC  B 2 8  ? -6.007  7.452   9.134   1.00 13.84 ? 18  DC  B OP2   1 
ATOM   354 O "O5'" . DC  B 2 8  ? -5.310  6.988   11.588  1.00 13.81 ? 18  DC  B "O5'" 1 
ATOM   355 C "C5'" . DC  B 2 8  ? -5.411  5.879   12.466  1.00 12.94 ? 18  DC  B "C5'" 1 
ATOM   356 C "C4'" . DC  B 2 8  ? -4.013  5.304   12.590  1.00 12.13 ? 18  DC  B "C4'" 1 
ATOM   357 O "O4'" . DC  B 2 8  ? -3.713  4.616   11.337  1.00 11.52 ? 18  DC  B "O4'" 1 
ATOM   358 C "C3'" . DC  B 2 8  ? -2.822  6.282   12.704  1.00 11.96 ? 18  DC  B "C3'" 1 
ATOM   359 O "O3'" . DC  B 2 8  ? -2.753  6.937   13.944  1.00 12.25 ? 18  DC  B "O3'" 1 
ATOM   360 C "C2'" . DC  B 2 8  ? -1.669  5.353   12.395  1.00 11.74 ? 18  DC  B "C2'" 1 
ATOM   361 C "C1'" . DC  B 2 8  ? -2.313  4.460   11.257  1.00 11.34 ? 18  DC  B "C1'" 1 
ATOM   362 N N1    . DC  B 2 8  ? -1.818  4.844   9.899   1.00 11.03 ? 18  DC  B N1    1 
ATOM   363 C C2    . DC  B 2 8  ? -0.653  4.244   9.510   1.00 10.92 ? 18  DC  B C2    1 
ATOM   364 O O2    . DC  B 2 8  ? -0.009  3.477   10.189  1.00 10.79 ? 18  DC  B O2    1 
ATOM   365 N N3    . DC  B 2 8  ? -0.177  4.578   8.259   1.00 11.07 ? 18  DC  B N3    1 
ATOM   366 C C4    . DC  B 2 8  ? -0.792  5.483   7.408   1.00 11.01 ? 18  DC  B C4    1 
ATOM   367 N N4    . DC  B 2 8  ? -0.208  5.731   6.187   1.00 11.21 ? 18  DC  B N4    1 
ATOM   368 C C5    . DC  B 2 8  ? -1.989  6.079   7.864   1.00 10.82 ? 18  DC  B C5    1 
ATOM   369 C C6    . DC  B 2 8  ? -2.444  5.750   9.070   1.00 10.86 ? 18  DC  B C6    1 
ATOM   370 P P     . DC  B 2 9  ? -1.666  8.097   14.156  1.00 12.15 ? 19  DC  B P     1 
ATOM   371 O OP1   . DC  B 2 9  ? -1.835  8.512   15.547  1.00 11.99 ? 19  DC  B OP1   1 
ATOM   372 O OP2   . DC  B 2 9  ? -1.766  8.956   13.041  1.00 11.58 ? 19  DC  B OP2   1 
ATOM   373 O "O5'" . DC  B 2 9  ? -0.196  7.459   13.816  1.00 12.22 ? 19  DC  B "O5'" 1 
ATOM   374 C "C5'" . DC  B 2 9  ? 0.882   8.311   14.158  1.00 12.22 ? 19  DC  B "C5'" 1 
ATOM   375 C "C4'" . DC  B 2 9  ? 2.094   7.405   13.984  1.00 12.09 ? 19  DC  B "C4'" 1 
ATOM   376 O "O4'" . DC  B 2 9  ? 1.753   6.328   13.082  1.00 12.08 ? 19  DC  B "O4'" 1 
ATOM   377 C "C3'" . DC  B 2 9  ? 3.306   8.102   13.310  1.00 12.35 ? 19  DC  B "C3'" 1 
ATOM   378 O "O3'" . DC  B 2 9  ? 3.934   8.783   14.314  1.00 13.01 ? 19  DC  B "O3'" 1 
ATOM   379 C "C2'" . DC  B 2 9  ? 3.995   6.908   12.675  1.00 12.03 ? 19  DC  B "C2'" 1 
ATOM   380 C "C1'" . DC  B 2 9  ? 2.755   6.131   12.094  1.00 11.51 ? 19  DC  B "C1'" 1 
ATOM   381 N N1    . DC  B 2 9  ? 2.340   6.648   10.755  1.00 11.16 ? 19  DC  B N1    1 
ATOM   382 C C2    . DC  B 2 9  ? 3.239   6.482   9.753   1.00 11.25 ? 19  DC  B C2    1 
ATOM   383 O O2    . DC  B 2 9  ? 4.318   5.919   9.859   1.00 11.56 ? 19  DC  B O2    1 
ATOM   384 N N3    . DC  B 2 9  ? 2.897   6.974   8.515   1.00 11.27 ? 19  DC  B N3    1 
ATOM   385 C C4    . DC  B 2 9  ? 1.700   7.602   8.226   1.00 11.13 ? 19  DC  B C4    1 
ATOM   386 N N4    . DC  B 2 9  ? 1.520   8.010   6.936   1.00 11.28 ? 19  DC  B N4    1 
ATOM   387 C C5    . DC  B 2 9  ? 0.786   7.762   9.295   1.00 10.90 ? 19  DC  B C5    1 
ATOM   388 C C6    . DC  B 2 9  ? 1.137   7.284   10.482  1.00 11.20 ? 19  DC  B C6    1 
ATOM   389 P P     . DC  B 2 10 ? 4.655   10.187  14.282  1.00 13.16 ? 20  DC  B P     1 
ATOM   390 O OP1   . DC  B 2 10 ? 4.745   10.544  15.720  1.00 12.95 ? 20  DC  B OP1   1 
ATOM   391 O OP2   . DC  B 2 10 ? 3.982   10.987  13.342  1.00 12.97 ? 20  DC  B OP2   1 
ATOM   392 O "O5'" . DC  B 2 10 ? 6.093   10.074  13.516  1.00 12.86 ? 20  DC  B "O5'" 1 
ATOM   393 C "C5'" . DC  B 2 10 ? 6.938   8.997   13.824  1.00 11.94 ? 20  DC  B "C5'" 1 
ATOM   394 C "C4'" . DC  B 2 10 ? 8.061   8.916   12.789  1.00 11.56 ? 20  DC  B "C4'" 1 
ATOM   395 O "O4'" . DC  B 2 10 ? 7.589   8.271   11.590  1.00 11.13 ? 20  DC  B "O4'" 1 
ATOM   396 C "C3'" . DC  B 2 10 ? 8.713   10.254  12.330  1.00 11.67 ? 20  DC  B "C3'" 1 
ATOM   397 O "O3'" . DC  B 2 10 ? 9.823   10.569  13.162  1.00 12.07 ? 20  DC  B "O3'" 1 
ATOM   398 C "C2'" . DC  B 2 10 ? 9.125   10.008  10.892  1.00 11.30 ? 20  DC  B "C2'" 1 
ATOM   399 C "C1'" . DC  B 2 10 ? 8.165   8.888   10.408  1.00 10.73 ? 20  DC  B "C1'" 1 
ATOM   400 N N1    . DC  B 2 10 ? 7.029   9.373   9.567   1.00 10.52 ? 20  DC  B N1    1 
ATOM   401 C C2    . DC  B 2 10 ? 7.278   9.669   8.261   1.00 10.46 ? 20  DC  B C2    1 
ATOM   402 O O2    . DC  B 2 10 ? 8.367   9.565   7.715   1.00 10.52 ? 20  DC  B O2    1 
ATOM   403 N N3    . DC  B 2 10 ? 6.219   10.135  7.525   1.00 10.21 ? 20  DC  B N3    1 
ATOM   404 C C4    . DC  B 2 10 ? 4.948   10.322  8.024   1.00 10.31 ? 20  DC  B C4    1 
ATOM   405 N N4    . DC  B 2 10 ? 3.970   10.765  7.177   1.00 10.44 ? 20  DC  B N4    1 
ATOM   406 C C5    . DC  B 2 10 ? 4.723   10.014  9.396   1.00 10.15 ? 20  DC  B C5    1 
ATOM   407 C C6    . DC  B 2 10 ? 5.754   9.554   10.097  1.00 10.36 ? 20  DC  B C6    1 
HETATM 408 N N1    . SPM C 3 .  ? -6.773  -6.558  -15.838 1.00 30.67 ? 21  SPM B N1    1 
HETATM 409 C C2    . SPM C 3 .  ? -6.781  -5.173  -15.151 1.00 30.61 ? 21  SPM B C2    1 
HETATM 410 C C3    . SPM C 3 .  ? -5.648  -5.035  -14.115 1.00 30.57 ? 21  SPM B C3    1 
HETATM 411 C C4    . SPM C 3 .  ? -4.496  -4.169  -14.698 1.00 30.65 ? 21  SPM B C4    1 
HETATM 412 N N5    . SPM C 3 .  ? -4.194  -4.580  -16.171 1.00 30.36 ? 21  SPM B N5    1 
HETATM 413 C C6    . SPM C 3 .  ? -3.256  -3.634  -16.921 1.00 29.67 ? 21  SPM B C6    1 
HETATM 414 C C7    . SPM C 3 .  ? -3.954  -2.440  -17.566 1.00 29.14 ? 21  SPM B C7    1 
HETATM 415 C C8    . SPM C 3 .  ? -3.838  -1.144  -16.786 1.00 28.74 ? 21  SPM B C8    1 
HETATM 416 C C9    . SPM C 3 .  ? -3.387  -1.286  -15.328 1.00 28.34 ? 21  SPM B C9    1 
HETATM 417 N N10   . SPM C 3 .  ? -1.961  -0.750  -15.132 1.00 28.35 ? 21  SPM B N10   1 
HETATM 418 C C11   . SPM C 3 .  ? -1.237  -1.369  -13.923 1.00 28.32 ? 21  SPM B C11   1 
HETATM 419 C C12   . SPM C 3 .  ? -0.459  -0.314  -13.139 1.00 28.16 ? 21  SPM B C12   1 
HETATM 420 C C13   . SPM C 3 .  ? 1.067   -0.531  -13.165 1.00 28.30 ? 21  SPM B C13   1 
HETATM 421 N N14   . SPM C 3 .  ? 1.760   0.761   -12.631 1.00 28.33 ? 21  SPM B N14   1 
HETATM 422 O O     . HOH D 4 .  ? 10.701  3.164   -2.094  1.00 18.32 ? 23  HOH A O     1 
HETATM 423 O O     . HOH D 4 .  ? -5.108  -10.745 -16.834 1.00 23.20 ? 27  HOH A O     1 
HETATM 424 O O     . HOH D 4 .  ? -4.543  -8.075  -18.766 1.00 38.19 ? 28  HOH A O     1 
HETATM 425 O O     . HOH D 4 .  ? 6.724   -0.357  0.904   1.00 26.43 ? 29  HOH A O     1 
HETATM 426 O O     . HOH D 4 .  ? -11.853 -11.415 -5.861  1.00 27.28 ? 31  HOH A O     1 
HETATM 427 O O     . HOH D 4 .  ? -4.245  -12.397 -9.946  1.00 26.57 ? 33  HOH A O     1 
HETATM 428 O O     . HOH D 4 .  ? -8.836  -12.422 -10.819 1.00 35.58 ? 34  HOH A O     1 
HETATM 429 O O     . HOH D 4 .  ? -2.428  -9.301  10.590  1.00 19.50 ? 39  HOH A O     1 
HETATM 430 O O     . HOH D 4 .  ? 2.485   5.316   0.440   1.00 21.45 ? 40  HOH A O     1 
HETATM 431 O O     . HOH D 4 .  ? -10.444 -9.252  8.022   1.00 52.58 ? 47  HOH A O     1 
HETATM 432 O O     . HOH D 4 .  ? 2.625   11.236  -2.570  1.00 31.88 ? 50  HOH A O     1 
HETATM 433 O O     . HOH D 4 .  ? -9.506  -12.938 -6.624  1.00 24.33 ? 52  HOH A O     1 
HETATM 434 O O     . HOH D 4 .  ? -0.436  -9.839  2.898   1.00 21.09 ? 53  HOH A O     1 
HETATM 435 O O     . HOH D 4 .  ? 2.081   12.964  3.539   1.00 29.43 ? 56  HOH A O     1 
HETATM 436 O O     . HOH D 4 .  ? -3.932  -14.456 3.547   1.00 33.25 ? 57  HOH A O     1 
HETATM 437 O O     . HOH D 4 .  ? 1.079   3.506   -1.557  1.00 18.40 ? 61  HOH A O     1 
HETATM 438 O O     . HOH D 4 .  ? 6.071   2.817   -2.462  1.00 25.08 ? 69  HOH A O     1 
HETATM 439 O O     . HOH D 4 .  ? -4.732  -12.136 -0.318  1.00 22.09 ? 72  HOH A O     1 
HETATM 440 O O     . HOH D 4 .  ? -6.066  -14.294 1.621   1.00 15.26 ? 74  HOH A O     1 
HETATM 441 O O     . HOH D 4 .  ? 1.773   1.690   2.346   1.00 18.43 ? 78  HOH A O     1 
HETATM 442 O O     . HOH D 4 .  ? -9.426  -12.455 -3.969  1.00 11.36 ? 79  HOH A O     1 
HETATM 443 O O     . HOH D 4 .  ? -2.811  -11.560 4.547   1.00 15.50 ? 80  HOH A O     1 
HETATM 444 O O     . HOH D 4 .  ? -7.784  -8.701  6.854   1.00 18.89 ? 81  HOH A O     1 
HETATM 445 O O     . HOH D 4 .  ? -1.314  -10.808 -6.965  1.00 17.30 ? 83  HOH A O     1 
HETATM 446 O O     . HOH D 4 .  ? -8.538  -8.901  -14.106 1.00 12.52 ? 84  HOH A O     1 
HETATM 447 O O     . HOH D 4 .  ? 4.314   8.624   -3.800  1.00 23.25 ? 92  HOH A O     1 
HETATM 448 O O     . HOH D 4 .  ? -0.156  -11.875 -3.853  1.00 17.84 ? 93  HOH A O     1 
HETATM 449 O O     . HOH D 4 .  ? -1.722  -4.751  -13.581 1.00 48.70 ? 97  HOH A O     1 
HETATM 450 O O     . HOH D 4 .  ? 3.870   0.342   11.534  1.00 24.17 ? 98  HOH A O     1 
HETATM 451 O O     . HOH D 4 .  ? 7.377   10.947  -8.191  1.00 28.08 ? 101 HOH A O     1 
HETATM 452 O O     . HOH D 4 .  ? 4.935   4.238   1.433   1.00 38.51 ? 111 HOH A O     1 
HETATM 453 O O     . HOH E 4 .  ? -12.464 5.885   6.350   1.00 31.43 ? 22  HOH B O     1 
HETATM 454 O O     . HOH E 4 .  ? 8.930   0.413   -3.351  1.00 22.70 ? 24  HOH B O     1 
HETATM 455 O O     . HOH E 4 .  ? -12.241 4.225   10.106  1.00 30.48 ? 25  HOH B O     1 
HETATM 456 O O     . HOH E 4 .  ? 7.869   6.390   -8.644  1.00 21.42 ? 26  HOH B O     1 
HETATM 457 O O     . HOH E 4 .  ? -0.498  10.994  11.538  1.00 23.36 ? 30  HOH B O     1 
HETATM 458 O O     . HOH E 4 .  ? 1.770   11.607  15.441  1.00 26.15 ? 32  HOH B O     1 
HETATM 459 O O     . HOH E 4 .  ? 8.178   -7.197  -3.505  1.00 12.17 ? 35  HOH B O     1 
HETATM 460 O O     . HOH E 4 .  ? 2.833   -7.953  -3.540  1.00 13.02 ? 36  HOH B O     1 
HETATM 461 O O     . HOH E 4 .  ? 8.283   -4.926  -11.371 1.00 31.95 ? 37  HOH B O     1 
HETATM 462 O O     . HOH E 4 .  ? -5.928  9.760   13.410  1.00 13.08 ? 38  HOH B O     1 
HETATM 463 O O     . HOH E 4 .  ? -5.877  6.505   3.195   1.00 20.10 ? 41  HOH B O     1 
HETATM 464 O O     . HOH E 4 .  ? -2.075  6.328   2.586   1.00 28.84 ? 42  HOH B O     1 
HETATM 465 O O     . HOH E 4 .  ? -3.985  8.873   5.231   1.00 22.42 ? 43  HOH B O     1 
HETATM 466 O O     . HOH E 4 .  ? -7.566  8.924   1.747   1.00 20.77 ? 44  HOH B O     1 
HETATM 467 O O     . HOH E 4 .  ? -7.077  11.471  0.154   1.00 24.52 ? 45  HOH B O     1 
HETATM 468 O O     . HOH E 4 .  ? -5.210  10.828  16.318  1.00 16.17 ? 46  HOH B O     1 
HETATM 469 O O     . HOH E 4 .  ? 3.931   -1.167  -4.616  1.00 23.64 ? 48  HOH B O     1 
HETATM 470 O O     . HOH E 4 .  ? 4.869   -0.535  -2.271  1.00 37.65 ? 49  HOH B O     1 
HETATM 471 O O     . HOH E 4 .  ? 8.513   -4.747  2.054   1.00 12.35 ? 51  HOH B O     1 
HETATM 472 O O     . HOH E 4 .  ? 2.827   -2.441  -2.557  1.00 20.02 ? 54  HOH B O     1 
HETATM 473 O O     . HOH E 4 .  ? -0.568  13.934  12.088  1.00 33.32 ? 55  HOH B O     1 
HETATM 474 O O     . HOH E 4 .  ? -9.730  -2.117  10.626  1.00 19.21 ? 58  HOH B O     1 
HETATM 475 O O     . HOH E 4 .  ? -8.571  1.152   10.036  1.00 28.76 ? 59  HOH B O     1 
HETATM 476 O O     . HOH E 4 .  ? -11.975 -0.229  10.484  1.00 29.07 ? 60  HOH B O     1 
HETATM 477 O O     . HOH E 4 .  ? -2.763  10.438  17.478  1.00 18.42 ? 62  HOH B O     1 
HETATM 478 O O     . HOH E 4 .  ? 0.512   5.646   -11.613 1.00 11.79 ? 63  HOH B O     1 
HETATM 479 O O     . HOH E 4 .  ? 5.589   -10.882 -2.861  1.00 25.48 ? 64  HOH B O     1 
HETATM 480 O O     . HOH E 4 .  ? -5.719  10.665  4.117   1.00 16.45 ? 65  HOH B O     1 
HETATM 481 O O     . HOH E 4 .  ? -9.936  8.848   8.008   1.00 12.01 ? 66  HOH B O     1 
HETATM 482 O O     . HOH E 4 .  ? -1.451  9.030   9.103   1.00 9.66  ? 67  HOH B O     1 
HETATM 483 O O     . HOH E 4 .  ? 2.300   11.167  11.187  1.00 6.40  ? 68  HOH B O     1 
HETATM 484 O O     . HOH E 4 .  ? 3.016   3.151   -4.624  1.00 14.18 ? 70  HOH B O     1 
HETATM 485 O O     . HOH E 4 .  ? -13.218 8.452   -4.548  1.00 27.29 ? 71  HOH B O     1 
HETATM 486 O O     . HOH E 4 .  ? 9.647   -3.219  -0.904  1.00 35.79 ? 73  HOH B O     1 
HETATM 487 O O     . HOH E 4 .  ? 7.311   -7.556  0.945   1.00 31.73 ? 75  HOH B O     1 
HETATM 488 O O     . HOH E 4 .  ? 5.700   -7.622  -1.328  1.00 42.95 ? 76  HOH B O     1 
HETATM 489 O O     . HOH E 4 .  ? 2.074   -4.435  0.860   1.00 26.68 ? 77  HOH B O     1 
HETATM 490 O O     . HOH E 4 .  ? -15.285 8.070   6.525   1.00 47.52 ? 82  HOH B O     1 
HETATM 491 O O     . HOH E 4 .  ? 11.312  0.652   -12.077 1.00 31.89 ? 85  HOH B O     1 
HETATM 492 O O     . HOH E 4 .  ? 6.198   -2.590  -3.877  1.00 18.53 ? 86  HOH B O     1 
HETATM 493 O O     . HOH E 4 .  ? 10.754  -4.089  -12.188 1.00 18.54 ? 87  HOH B O     1 
HETATM 494 O O     . HOH E 4 .  ? -14.284 5.818   8.851   1.00 19.54 ? 88  HOH B O     1 
HETATM 495 O O     . HOH E 4 .  ? 2.372   -6.033  -1.752  1.00 36.42 ? 89  HOH B O     1 
HETATM 496 O O     . HOH E 4 .  ? 11.562  3.300   -10.587 1.00 39.05 ? 90  HOH B O     1 
HETATM 497 O O     . HOH E 4 .  ? 3.535   5.223   -10.372 1.00 22.46 ? 91  HOH B O     1 
HETATM 498 O O     . HOH E 4 .  ? 3.379   -12.642 -6.189  1.00 20.90 ? 94  HOH B O     1 
HETATM 499 O O     . HOH E 4 .  ? 7.213   -11.126 -4.962  1.00 16.21 ? 95  HOH B O     1 
HETATM 500 O O     . HOH E 4 .  ? -6.907  -1.039  6.075   1.00 6.54  ? 96  HOH B O     1 
HETATM 501 O O     . HOH E 4 .  ? -0.022  7.482   -3.269  1.00 35.31 ? 99  HOH B O     1 
HETATM 502 O O     . HOH E 4 .  ? -2.210  6.635   -1.841  1.00 12.28 ? 100 HOH B O     1 
HETATM 503 O O     . HOH E 4 .  ? -5.294  9.464   -4.485  1.00 33.17 ? 102 HOH B O     1 
HETATM 504 O O     . HOH E 4 .  ? -3.847  10.908  -0.807  1.00 47.36 ? 103 HOH B O     1 
HETATM 505 O O     . HOH E 4 .  ? 11.053  -6.493  0.787   1.00 17.10 ? 104 HOH B O     1 
HETATM 506 O O     . HOH E 4 .  ? 11.982  -8.018  -8.375  1.00 28.07 ? 105 HOH B O     1 
HETATM 507 O O     . HOH E 4 .  ? 10.712  -4.592  2.828   1.00 27.25 ? 106 HOH B O     1 
HETATM 508 O O     . HOH E 4 .  ? 5.462   4.430   -5.782  1.00 45.25 ? 107 HOH B O     1 
HETATM 509 O O     . HOH E 4 .  ? 9.110   2.436   -6.200  1.00 31.58 ? 108 HOH B O     1 
HETATM 510 O O     . HOH E 4 .  ? 11.562  -2.144  -9.472  1.00 43.72 ? 109 HOH B O     1 
HETATM 511 O O     . HOH E 4 .  ? 1.356   11.515  8.541   1.00 37.27 ? 110 HOH B O     1 
HETATM 512 O O     . HOH E 4 .  ? 12.089  -7.267  -1.541  1.00 38.48 ? 112 HOH B O     1 
HETATM 513 O O     . HOH E 4 .  ? -10.829 6.569   -3.231  1.00 29.28 ? 113 HOH B O     1 
HETATM 514 O O     . HOH E 4 .  ? -12.122 4.264   12.706  1.00 41.20 ? 114 HOH B O     1 
# 
